data_7XHQ
#
_entry.id   7XHQ
#
_cell.length_a   55.690
_cell.length_b   91.390
_cell.length_c   212.979
_cell.angle_alpha   90.000
_cell.angle_beta   90.000
_cell.angle_gamma   90.000
#
_symmetry.space_group_name_H-M   'P 21 21 21'
#
loop_
_entity.id
_entity.type
_entity.pdbx_description
1 polymer 'Tyrosine-protein phosphatase non-receptor type 11'
2 non-polymer 2-[(3S,4R)-4-azanyl-3-methyl-2-oxa-8-azaspiro[4.5]decan-8-yl]-5-[2,3-bis(chloranyl)phenyl]-3-methyl-pyrrolo[2,1-f][1,2,4]triazin-4-one
3 water water
#
_entity_poly.entity_id   1
_entity_poly.type   'polypeptide(L)'
_entity_poly.pdbx_seq_one_letter_code
;MTSRRWFHPNITGVEAENLLLTRGVDGSFLARPSKSNPGDFTLSVRRNGAVTHIKIQNTGDYYDLYGGEKFATLAELVQY
YMEHHGQLKEKNGDVIELKYPLNCADPTSERWFHGHLSGKEAEKLLTEKGKHGSFLVRESQSHPGDFVLSVRTGDDKGES
NDGKSKVTHVMIRCQELKYDVGGGERFDSLTDLVEHYKKNPMVETLGTVLQLKQPLNTTRINAAEIESRVRELSKLAETT
DKVKQGFWEEFETLQQQECKLLYSRKEGQRQENKNKNRYKNILPFDHTRVVLHDGDPNEPVSDYINANIIMPEFETKCNN
SKPKKSYIATQGCLQNTVNDFWRMVFQENSRVIVMTTKEVERGKSKCVKYWPDEYALKEYGVMRVRNVKESAAHDYTLRE
LKLSKVGQGNTERTVWQYHFRTWPDHGVPSDPGGVLDFLEEVHHKQESIMDAGPVVVHCSAGIGRTGTFIVIDILIDIIR
EKGVDCDIDVPKTIQMVRSQRSGMVQTEAQYRFIYMAVQHYIETL
;
_entity_poly.pdbx_strand_id   A,B
#
loop_
_chem_comp.id
_chem_comp.type
_chem_comp.name
_chem_comp.formula
FIZ non-polymer 2-[(3S,4R)-4-azanyl-3-methyl-2-oxa-8-azaspiro[4.5]decan-8-yl]-5-[2,3-bis(chloranyl)phenyl]-3-methyl-pyrrolo[2,1-f][1,2,4]triazin-4-one 'C22 H25 Cl2 N5 O2'
#
# COMPACT_ATOMS: atom_id res chain seq x y z
N ARG A 4 -18.62 27.05 1.12
CA ARG A 4 -17.79 28.03 0.43
C ARG A 4 -18.67 29.01 -0.35
N ARG A 5 -19.87 29.26 0.17
CA ARG A 5 -20.81 30.14 -0.49
C ARG A 5 -20.36 31.58 -0.53
N TRP A 6 -19.33 31.95 0.25
CA TRP A 6 -18.87 33.34 0.25
C TRP A 6 -18.09 33.70 -1.01
N PHE A 7 -17.81 32.73 -1.89
CA PHE A 7 -17.12 33.02 -3.13
C PHE A 7 -18.15 33.17 -4.24
N HIS A 8 -18.15 34.33 -4.90
CA HIS A 8 -19.09 34.62 -5.97
C HIS A 8 -18.35 34.62 -7.31
N PRO A 9 -18.53 33.59 -8.15
CA PRO A 9 -17.70 33.48 -9.36
C PRO A 9 -18.01 34.52 -10.41
N ASN A 10 -19.29 34.74 -10.71
CA ASN A 10 -19.71 35.62 -11.79
C ASN A 10 -20.17 36.99 -11.28
N ILE A 11 -19.61 37.46 -10.19
CA ILE A 11 -20.00 38.74 -9.60
C ILE A 11 -19.02 39.81 -10.04
N THR A 12 -19.53 41.03 -10.20
CA THR A 12 -18.72 42.18 -10.54
C THR A 12 -18.42 43.00 -9.29
N GLY A 13 -17.53 43.98 -9.44
CA GLY A 13 -17.17 44.83 -8.32
C GLY A 13 -18.32 45.71 -7.87
N VAL A 14 -19.09 46.24 -8.82
CA VAL A 14 -20.25 47.05 -8.48
C VAL A 14 -21.32 46.18 -7.83
N GLU A 15 -21.51 44.97 -8.35
CA GLU A 15 -22.47 44.05 -7.75
C GLU A 15 -22.05 43.64 -6.34
N ALA A 16 -20.75 43.52 -6.10
CA ALA A 16 -20.29 43.13 -4.78
C ALA A 16 -20.56 44.21 -3.74
N GLU A 17 -20.25 45.46 -4.07
CA GLU A 17 -20.52 46.56 -3.15
C GLU A 17 -22.02 46.72 -2.90
N ASN A 18 -22.84 46.47 -3.92
CA ASN A 18 -24.29 46.58 -3.74
C ASN A 18 -24.84 45.45 -2.88
N LEU A 19 -24.26 44.24 -3.02
CA LEU A 19 -24.72 43.12 -2.21
C LEU A 19 -24.35 43.30 -0.75
N LEU A 20 -23.14 43.80 -0.48
CA LEU A 20 -22.72 44.00 0.90
C LEU A 20 -23.49 45.15 1.56
N LEU A 21 -23.93 46.13 0.77
CA LEU A 21 -24.60 47.30 1.32
C LEU A 21 -26.10 47.11 1.51
N THR A 22 -26.72 46.25 0.71
CA THR A 22 -28.17 46.04 0.77
C THR A 22 -28.56 44.76 1.49
N ARG A 23 -27.78 43.68 1.35
CA ARG A 23 -28.09 42.43 2.02
C ARG A 23 -27.02 42.03 3.03
N GLY A 24 -26.04 42.90 3.29
CA GLY A 24 -25.02 42.63 4.27
C GLY A 24 -25.02 43.66 5.40
N VAL A 25 -24.28 43.35 6.45
CA VAL A 25 -24.09 44.26 7.57
C VAL A 25 -22.59 44.48 7.75
N ASP A 26 -22.22 45.31 8.73
CA ASP A 26 -20.80 45.52 9.00
C ASP A 26 -20.14 44.21 9.42
N GLY A 27 -18.99 43.91 8.82
CA GLY A 27 -18.34 42.64 9.00
C GLY A 27 -18.69 41.59 7.97
N SER A 28 -19.64 41.88 7.08
CA SER A 28 -19.93 40.98 5.97
C SER A 28 -18.81 41.03 4.95
N PHE A 29 -18.54 39.88 4.33
CA PHE A 29 -17.44 39.80 3.37
C PHE A 29 -17.79 38.80 2.29
N LEU A 30 -17.12 38.95 1.14
CA LEU A 30 -17.18 37.99 0.05
C LEU A 30 -15.91 38.08 -0.76
N ALA A 31 -15.63 37.02 -1.52
CA ALA A 31 -14.50 36.97 -2.42
C ALA A 31 -15.00 36.81 -3.86
N ARG A 32 -14.24 37.35 -4.80
CA ARG A 32 -14.65 37.36 -6.20
C ARG A 32 -13.42 37.41 -7.09
N PRO A 33 -13.51 36.84 -8.29
CA PRO A 33 -12.40 36.95 -9.25
C PRO A 33 -12.26 38.38 -9.75
N SER A 34 -11.14 38.61 -10.44
CA SER A 34 -10.89 39.92 -11.05
C SER A 34 -11.05 39.84 -12.55
N ASN A 37 -8.33 39.46 -15.81
CA ASN A 37 -7.57 39.06 -14.59
C ASN A 37 -6.51 40.13 -14.30
N GLY A 39 -5.29 35.61 -12.59
CA GLY A 39 -5.42 35.05 -11.25
C GLY A 39 -5.49 36.09 -10.16
N ASP A 40 -5.96 37.29 -10.47
CA ASP A 40 -6.16 38.29 -9.40
C ASP A 40 -7.51 38.03 -8.77
N PHE A 41 -7.64 38.32 -7.48
CA PHE A 41 -8.89 38.07 -6.75
C PHE A 41 -9.12 39.25 -5.81
N THR A 42 -10.34 39.37 -5.30
CA THR A 42 -10.70 40.52 -4.48
C THR A 42 -11.51 40.05 -3.27
N LEU A 43 -11.09 40.48 -2.08
CA LEU A 43 -11.81 40.23 -0.84
C LEU A 43 -12.55 41.51 -0.47
N SER A 44 -13.85 41.53 -0.72
CA SER A 44 -14.68 42.70 -0.45
C SER A 44 -15.32 42.56 0.94
N VAL A 45 -15.02 43.51 1.81
CA VAL A 45 -15.49 43.49 3.19
C VAL A 45 -16.28 44.77 3.45
N ARG A 46 -17.37 44.65 4.20
CA ARG A 46 -18.14 45.81 4.65
C ARG A 46 -17.69 46.18 6.06
N ARG A 47 -17.43 47.46 6.28
CA ARG A 47 -16.97 47.93 7.59
C ARG A 47 -17.41 49.37 7.77
N ASN A 48 -18.02 49.66 8.92
CA ASN A 48 -18.45 51.02 9.29
C ASN A 48 -19.28 51.65 8.17
N GLY A 49 -20.16 50.87 7.58
CA GLY A 49 -21.00 51.35 6.50
C GLY A 49 -20.31 51.51 5.17
N ALA A 50 -19.02 51.21 5.08
CA ALA A 50 -18.27 51.29 3.84
C ALA A 50 -17.95 49.89 3.32
N VAL A 51 -17.46 49.83 2.09
CA VAL A 51 -17.04 48.58 1.47
C VAL A 51 -15.57 48.73 1.06
N THR A 52 -14.69 48.08 1.81
CA THR A 52 -13.27 48.06 1.49
C THR A 52 -12.94 46.82 0.65
N HIS A 53 -12.09 47.01 -0.34
CA HIS A 53 -11.66 45.93 -1.23
C HIS A 53 -10.20 45.61 -0.97
N ILE A 54 -9.89 44.33 -0.81
CA ILE A 54 -8.54 43.86 -0.56
C ILE A 54 -8.14 42.94 -1.70
N LYS A 55 -6.93 43.13 -2.21
CA LYS A 55 -6.45 42.40 -3.37
C LYS A 55 -5.77 41.11 -2.97
N ILE A 56 -6.04 40.05 -3.72
CA ILE A 56 -5.38 38.76 -3.55
C ILE A 56 -4.84 38.34 -4.91
N GLN A 57 -3.54 38.07 -4.97
CA GLN A 57 -2.88 37.68 -6.21
C GLN A 57 -2.35 36.26 -6.08
N ASN A 58 -2.54 35.47 -7.14
CA ASN A 58 -2.00 34.12 -7.22
C ASN A 58 -1.43 33.95 -8.63
N THR A 59 -0.10 33.99 -8.74
CA THR A 59 0.56 33.77 -10.02
C THR A 59 0.85 32.29 -10.28
N GLY A 60 0.66 31.43 -9.29
CA GLY A 60 0.90 30.01 -9.48
C GLY A 60 1.56 29.33 -8.29
N ASP A 61 1.99 30.11 -7.31
CA ASP A 61 2.72 29.59 -6.16
C ASP A 61 1.91 29.60 -4.86
N TYR A 62 1.10 30.62 -4.64
CA TYR A 62 0.30 30.76 -3.43
C TYR A 62 -0.61 31.98 -3.61
N TYR A 63 -1.60 32.09 -2.73
CA TYR A 63 -2.45 33.28 -2.68
C TYR A 63 -1.75 34.33 -1.83
N ASP A 64 -1.53 35.51 -2.40
CA ASP A 64 -0.85 36.61 -1.74
C ASP A 64 -1.86 37.71 -1.46
N LEU A 65 -2.15 37.94 -0.19
CA LEU A 65 -3.08 38.99 0.23
C LEU A 65 -2.30 40.27 0.48
N TYR A 66 -2.66 41.34 -0.24
CA TYR A 66 -1.95 42.61 -0.12
C TYR A 66 -2.03 43.14 1.31
N GLY A 67 -0.86 43.29 1.93
CA GLY A 67 -0.80 43.69 3.32
C GLY A 67 -1.11 42.59 4.32
N GLY A 68 -1.56 41.43 3.85
CA GLY A 68 -1.85 40.30 4.71
C GLY A 68 -0.76 39.25 4.63
N GLU A 69 -1.16 37.99 4.69
CA GLU A 69 -0.25 36.86 4.62
C GLU A 69 -0.48 36.08 3.33
N LYS A 70 0.23 34.97 3.19
CA LYS A 70 0.15 34.11 2.03
C LYS A 70 -0.44 32.76 2.42
N PHE A 71 -1.31 32.22 1.57
CA PHE A 71 -2.12 31.08 1.93
C PHE A 71 -2.18 30.08 0.78
N ALA A 72 -2.47 28.83 1.14
CA ALA A 72 -2.55 27.76 0.15
C ALA A 72 -3.92 27.71 -0.53
N THR A 73 -4.99 28.11 0.16
CA THR A 73 -6.32 28.17 -0.42
C THR A 73 -7.06 29.36 0.17
N LEU A 74 -8.05 29.86 -0.59
CA LEU A 74 -8.88 30.94 -0.08
C LEU A 74 -9.67 30.53 1.15
N ALA A 75 -10.08 29.25 1.21
CA ALA A 75 -10.74 28.76 2.41
C ALA A 75 -9.83 28.82 3.62
N GLU A 76 -8.56 28.42 3.46
CA GLU A 76 -7.61 28.55 4.56
C GLU A 76 -7.33 30.01 4.89
N LEU A 77 -7.32 30.88 3.87
CA LEU A 77 -7.20 32.31 4.12
C LEU A 77 -8.37 32.81 4.97
N VAL A 78 -9.60 32.48 4.54
CA VAL A 78 -10.79 32.98 5.25
C VAL A 78 -10.85 32.39 6.65
N GLN A 79 -10.59 31.09 6.79
CA GLN A 79 -10.57 30.47 8.11
C GLN A 79 -9.55 31.15 9.02
N TYR A 80 -8.41 31.54 8.46
CA TYR A 80 -7.36 32.16 9.27
C TYR A 80 -7.83 33.49 9.85
N TYR A 81 -8.38 34.37 9.01
CA TYR A 81 -8.75 35.70 9.48
C TYR A 81 -10.07 35.70 10.24
N MET A 82 -10.94 34.71 10.02
CA MET A 82 -12.13 34.60 10.86
C MET A 82 -11.82 34.10 12.26
N GLU A 83 -10.53 33.97 12.58
CA GLU A 83 -10.10 33.45 13.91
C GLU A 83 -8.91 34.25 14.43
N HIS A 84 -8.20 34.97 13.56
CA HIS A 84 -7.00 35.73 13.98
C HIS A 84 -7.19 37.21 13.63
N GLN A 87 -5.54 40.55 12.55
CA GLN A 87 -4.31 40.37 11.73
C GLN A 87 -4.50 40.96 10.33
N LEU A 88 -5.71 41.45 10.01
CA LEU A 88 -5.98 41.99 8.69
C LEU A 88 -6.04 43.52 8.71
N ILE A 96 -10.86 44.88 7.59
CA ILE A 96 -10.29 44.65 8.95
C ILE A 96 -10.98 43.45 9.62
N GLU A 97 -12.30 43.48 9.80
CA GLU A 97 -13.01 42.39 10.51
C GLU A 97 -13.81 41.49 9.55
N LEU A 98 -13.52 40.12 9.58
CA LEU A 98 -14.29 39.15 8.76
C LEU A 98 -15.25 38.44 9.73
N LYS A 99 -16.54 38.78 9.71
CA LYS A 99 -17.51 38.24 10.63
C LYS A 99 -18.57 37.38 9.96
N TYR A 100 -19.23 37.90 8.93
CA TYR A 100 -20.40 37.22 8.33
C TYR A 100 -20.18 36.95 6.86
N PRO A 101 -19.90 35.71 6.45
CA PRO A 101 -19.79 35.43 5.01
C PRO A 101 -21.12 35.64 4.30
N LEU A 102 -21.08 36.38 3.20
CA LEU A 102 -22.27 36.61 2.38
C LEU A 102 -22.38 35.45 1.39
N ASN A 103 -23.43 34.64 1.55
CA ASN A 103 -23.56 33.40 0.80
C ASN A 103 -24.14 33.65 -0.58
N CYS A 104 -23.62 32.91 -1.57
CA CYS A 104 -24.02 33.06 -2.96
C CYS A 104 -25.05 32.00 -3.31
N ALA A 105 -26.04 32.38 -4.11
CA ALA A 105 -27.09 31.47 -4.55
C ALA A 105 -26.87 30.96 -5.97
N ASP A 106 -25.76 31.32 -6.60
CA ASP A 106 -25.45 30.84 -7.94
C ASP A 106 -25.05 29.36 -7.88
N PRO A 107 -25.73 28.47 -8.60
CA PRO A 107 -25.36 27.05 -8.59
C PRO A 107 -24.29 26.65 -9.61
N THR A 108 -23.64 27.63 -10.26
CA THR A 108 -22.77 27.32 -11.39
C THR A 108 -21.60 26.42 -10.99
N SER A 109 -21.07 26.61 -9.78
CA SER A 109 -19.88 25.89 -9.35
C SER A 109 -20.19 24.57 -8.66
N GLU A 110 -21.45 24.14 -8.66
CA GLU A 110 -21.79 22.88 -8.00
C GLU A 110 -21.50 21.70 -8.91
N ARG A 111 -21.10 20.59 -8.31
CA ARG A 111 -20.78 19.39 -9.06
C ARG A 111 -21.99 18.79 -9.75
N TRP A 112 -23.20 19.05 -9.25
CA TRP A 112 -24.41 18.45 -9.80
C TRP A 112 -25.15 19.36 -10.77
N PHE A 113 -24.74 20.61 -10.91
CA PHE A 113 -25.44 21.55 -11.78
C PHE A 113 -24.87 21.52 -13.18
N HIS A 114 -25.76 21.41 -14.18
CA HIS A 114 -25.34 21.37 -15.57
C HIS A 114 -26.03 22.39 -16.46
N GLY A 115 -26.85 23.29 -15.89
CA GLY A 115 -27.50 24.35 -16.63
C GLY A 115 -28.19 23.89 -17.90
N HIS A 116 -27.71 24.36 -19.04
CA HIS A 116 -28.25 23.95 -20.34
C HIS A 116 -27.87 22.49 -20.59
N LEU A 117 -28.84 21.59 -20.52
CA LEU A 117 -28.61 20.18 -20.79
C LEU A 117 -29.94 19.53 -21.15
N SER A 118 -29.95 18.79 -22.26
CA SER A 118 -31.16 18.13 -22.70
C SER A 118 -31.58 17.04 -21.74
N GLY A 119 -32.88 16.72 -21.75
CA GLY A 119 -33.38 15.66 -20.90
C GLY A 119 -33.05 14.27 -21.40
N LYS A 120 -32.90 14.12 -22.72
CA LYS A 120 -32.44 12.85 -23.28
C LYS A 120 -30.94 12.67 -23.07
N GLU A 121 -30.17 13.75 -23.26
CA GLU A 121 -28.74 13.69 -22.97
C GLU A 121 -28.48 13.40 -21.50
N ALA A 122 -29.33 13.94 -20.62
CA ALA A 122 -29.18 13.65 -19.19
C ALA A 122 -29.59 12.23 -18.86
N GLU A 123 -30.57 11.68 -19.59
CA GLU A 123 -30.91 10.28 -19.39
C GLU A 123 -29.81 9.37 -19.93
N LYS A 124 -29.20 9.75 -21.06
CA LYS A 124 -28.10 8.98 -21.61
C LYS A 124 -26.89 9.00 -20.68
N LEU A 125 -26.57 10.17 -20.12
CA LEU A 125 -25.46 10.29 -19.19
C LEU A 125 -25.67 9.39 -17.97
N LEU A 126 -26.83 9.51 -17.31
CA LEU A 126 -27.10 8.71 -16.12
C LEU A 126 -27.12 7.22 -16.45
N THR A 127 -27.55 6.86 -17.66
CA THR A 127 -27.57 5.44 -18.02
C THR A 127 -26.17 4.92 -18.28
N GLU A 128 -25.34 5.69 -18.98
CA GLU A 128 -24.02 5.21 -19.38
C GLU A 128 -23.00 5.31 -18.26
N LYS A 129 -23.01 6.40 -17.49
CA LYS A 129 -21.96 6.68 -16.52
C LYS A 129 -22.44 6.72 -15.07
N GLY A 130 -23.75 6.62 -14.83
CA GLY A 130 -24.27 6.76 -13.48
C GLY A 130 -24.42 5.45 -12.73
N LYS A 131 -24.70 5.58 -11.45
CA LYS A 131 -24.96 4.44 -10.57
C LYS A 131 -26.15 4.79 -9.69
N HIS A 132 -26.39 3.97 -8.68
CA HIS A 132 -27.47 4.25 -7.74
C HIS A 132 -27.16 5.50 -6.93
N GLY A 133 -28.10 6.46 -6.92
CA GLY A 133 -27.91 7.70 -6.20
C GLY A 133 -27.20 8.78 -6.99
N SER A 134 -26.79 8.50 -8.22
CA SER A 134 -26.18 9.52 -9.06
C SER A 134 -27.25 10.46 -9.57
N PHE A 135 -27.01 11.77 -9.45
CA PHE A 135 -28.02 12.76 -9.77
C PHE A 135 -27.38 13.99 -10.38
N LEU A 136 -28.25 14.81 -10.99
CA LEU A 136 -27.84 16.08 -11.58
C LEU A 136 -29.04 17.02 -11.54
N VAL A 137 -28.76 18.31 -11.67
CA VAL A 137 -29.79 19.33 -11.83
C VAL A 137 -29.47 20.13 -13.09
N ARG A 138 -30.50 20.38 -13.89
CA ARG A 138 -30.33 21.05 -15.18
C ARG A 138 -31.46 22.06 -15.36
N GLU A 139 -31.28 22.96 -16.33
CA GLU A 139 -32.35 23.87 -16.69
C GLU A 139 -33.45 23.12 -17.44
N SER A 140 -34.70 23.42 -17.09
CA SER A 140 -35.84 22.68 -17.61
C SER A 140 -35.91 22.79 -19.13
N GLN A 141 -36.28 21.68 -19.78
CA GLN A 141 -36.32 21.65 -21.23
C GLN A 141 -37.43 22.55 -21.78
N SER A 142 -38.62 22.48 -21.19
CA SER A 142 -39.75 23.25 -21.67
C SER A 142 -39.93 24.53 -20.86
N HIS A 143 -40.58 24.41 -19.70
CA HIS A 143 -40.89 25.52 -18.81
C HIS A 143 -39.64 26.31 -18.46
N PRO A 144 -39.43 27.48 -19.07
CA PRO A 144 -38.19 28.24 -18.81
C PRO A 144 -38.17 28.79 -17.40
N GLY A 145 -36.95 28.97 -16.88
CA GLY A 145 -36.76 29.41 -15.52
C GLY A 145 -36.89 28.34 -14.47
N ASP A 146 -37.48 27.19 -14.80
CA ASP A 146 -37.57 26.07 -13.88
C ASP A 146 -36.36 25.17 -14.03
N PHE A 147 -36.27 24.15 -13.19
CA PHE A 147 -35.15 23.22 -13.21
C PHE A 147 -35.67 21.79 -13.07
N VAL A 148 -34.82 20.84 -13.42
CA VAL A 148 -35.16 19.42 -13.34
C VAL A 148 -34.06 18.71 -12.55
N LEU A 149 -34.48 17.87 -11.60
CA LEU A 149 -33.56 17.03 -10.84
C LEU A 149 -33.71 15.60 -11.36
N SER A 150 -32.70 15.13 -12.08
CA SER A 150 -32.69 13.77 -12.62
C SER A 150 -31.81 12.90 -11.74
N VAL A 151 -32.37 11.81 -11.23
CA VAL A 151 -31.67 10.93 -10.30
C VAL A 151 -31.87 9.48 -10.75
N ARG A 152 -30.77 8.72 -10.73
CA ARG A 152 -30.78 7.30 -11.05
C ARG A 152 -30.83 6.49 -9.77
N THR A 153 -31.57 5.38 -9.80
CA THR A 153 -31.71 4.54 -8.62
C THR A 153 -31.88 3.09 -9.06
N GLY A 154 -31.41 2.18 -8.20
CA GLY A 154 -31.51 0.75 -8.48
C GLY A 154 -30.26 -0.03 -8.18
N ASP A 155 -30.09 -1.17 -8.84
CA ASP A 155 -28.92 -2.02 -8.63
C ASP A 155 -27.88 -1.80 -9.73
N ASP A 162 -31.11 -5.17 -16.87
CA ASP A 162 -32.30 -4.75 -17.62
C ASP A 162 -33.47 -4.53 -16.66
N GLY A 163 -33.97 -3.30 -16.61
CA GLY A 163 -35.08 -2.94 -15.75
C GLY A 163 -34.77 -2.83 -14.27
N LYS A 164 -33.61 -3.33 -13.83
CA LYS A 164 -33.28 -3.28 -12.41
C LYS A 164 -33.02 -1.86 -11.93
N SER A 165 -32.68 -0.94 -12.83
CA SER A 165 -32.44 0.45 -12.48
C SER A 165 -33.35 1.35 -13.30
N LYS A 166 -33.49 2.61 -12.85
CA LYS A 166 -34.36 3.56 -13.51
C LYS A 166 -33.83 4.97 -13.26
N VAL A 167 -34.26 5.90 -14.12
CA VAL A 167 -33.97 7.32 -13.97
C VAL A 167 -35.27 8.04 -13.66
N THR A 168 -35.31 8.74 -12.54
CA THR A 168 -36.48 9.50 -12.12
C THR A 168 -36.21 10.99 -12.27
N HIS A 169 -37.18 11.70 -12.83
CA HIS A 169 -37.10 13.15 -13.00
C HIS A 169 -38.03 13.84 -12.01
N VAL A 170 -37.56 14.92 -11.40
CA VAL A 170 -38.34 15.70 -10.45
C VAL A 170 -38.28 17.16 -10.88
N MET A 171 -39.44 17.72 -11.23
CA MET A 171 -39.49 19.11 -11.66
C MET A 171 -39.27 20.05 -10.48
N ILE A 172 -38.49 21.09 -10.69
CA ILE A 172 -38.17 22.09 -9.68
C ILE A 172 -38.69 23.43 -10.20
N ARG A 173 -39.79 23.90 -9.63
CA ARG A 173 -40.35 25.16 -10.05
C ARG A 173 -39.64 26.33 -9.39
N CYS A 174 -39.60 27.45 -10.10
CA CYS A 174 -39.09 28.72 -9.56
C CYS A 174 -40.25 29.70 -9.46
N GLN A 175 -40.57 30.10 -8.23
CA GLN A 175 -41.71 30.98 -7.98
C GLN A 175 -41.26 32.05 -6.99
N GLU A 176 -41.20 33.30 -7.45
CA GLU A 176 -40.82 34.44 -6.61
C GLU A 176 -39.42 34.24 -6.03
N LEU A 177 -38.46 33.92 -6.91
CA LEU A 177 -37.06 33.71 -6.57
C LEU A 177 -36.86 32.58 -5.58
N LYS A 178 -37.87 31.74 -5.36
CA LYS A 178 -37.76 30.58 -4.48
C LYS A 178 -38.02 29.32 -5.29
N TYR A 179 -37.47 28.20 -4.81
CA TYR A 179 -37.50 26.93 -5.52
C TYR A 179 -38.17 25.87 -4.67
N ASP A 180 -38.94 24.99 -5.32
CA ASP A 180 -39.66 23.93 -4.64
C ASP A 180 -39.90 22.79 -5.62
N VAL A 181 -40.21 21.61 -5.05
CA VAL A 181 -40.50 20.44 -5.87
C VAL A 181 -42.00 20.18 -5.89
N GLY A 182 -42.79 21.26 -5.95
CA GLY A 182 -44.23 21.15 -6.06
C GLY A 182 -44.97 21.12 -4.73
N GLY A 183 -44.27 21.03 -3.61
CA GLY A 183 -44.92 21.05 -2.33
C GLY A 183 -43.89 21.05 -1.22
N GLY A 184 -44.34 21.45 -0.04
CA GLY A 184 -43.46 21.52 1.10
C GLY A 184 -42.71 22.84 1.22
N GLU A 185 -41.44 22.76 1.59
CA GLU A 185 -40.65 23.97 1.81
C GLU A 185 -40.32 24.65 0.49
N ARG A 186 -40.10 25.96 0.55
CA ARG A 186 -39.66 26.76 -0.59
C ARG A 186 -38.26 27.28 -0.28
N PHE A 187 -37.31 27.00 -1.16
CA PHE A 187 -35.89 27.21 -0.88
C PHE A 187 -35.35 28.44 -1.63
N ASP A 188 -34.49 29.20 -0.94
CA ASP A 188 -33.92 30.42 -1.50
C ASP A 188 -32.90 30.15 -2.60
N SER A 189 -32.46 28.91 -2.78
CA SER A 189 -31.48 28.59 -3.81
C SER A 189 -31.54 27.10 -4.11
N LEU A 190 -31.10 26.74 -5.32
CA LEU A 190 -31.08 25.33 -5.69
C LEU A 190 -30.22 24.51 -4.75
N THR A 191 -29.16 25.11 -4.19
CA THR A 191 -28.26 24.38 -3.31
C THR A 191 -28.95 23.98 -2.02
N ASP A 192 -29.70 24.91 -1.40
CA ASP A 192 -30.45 24.58 -0.20
C ASP A 192 -31.43 23.44 -0.46
N LEU A 193 -32.08 23.46 -1.63
CA LEU A 193 -33.01 22.39 -1.97
C LEU A 193 -32.29 21.06 -2.08
N VAL A 194 -31.14 21.03 -2.77
CA VAL A 194 -30.40 19.78 -2.93
C VAL A 194 -29.90 19.27 -1.59
N GLU A 195 -29.34 20.16 -0.77
CA GLU A 195 -28.85 19.76 0.54
C GLU A 195 -29.99 19.23 1.41
N HIS A 196 -31.15 19.87 1.35
CA HIS A 196 -32.30 19.41 2.13
C HIS A 196 -32.72 18.02 1.69
N TYR A 197 -32.88 17.82 0.39
CA TYR A 197 -33.34 16.52 -0.12
C TYR A 197 -32.23 15.49 -0.21
N LYS A 198 -30.99 15.85 0.13
CA LYS A 198 -29.96 14.84 0.34
C LYS A 198 -30.08 14.26 1.75
N LYS A 199 -30.45 15.09 2.73
CA LYS A 199 -30.60 14.58 4.10
C LYS A 199 -31.98 13.98 4.34
N ASN A 200 -33.01 14.50 3.66
CA ASN A 200 -34.38 14.00 3.76
C ASN A 200 -34.85 13.64 2.36
N PRO A 201 -34.45 12.47 1.84
CA PRO A 201 -34.73 12.14 0.45
C PRO A 201 -36.22 11.93 0.21
N MET A 202 -36.66 12.32 -0.99
CA MET A 202 -38.04 12.10 -1.39
C MET A 202 -38.33 10.61 -1.49
N VAL A 203 -39.54 10.23 -1.10
CA VAL A 203 -40.01 8.85 -1.19
C VAL A 203 -41.18 8.82 -2.16
N GLU A 204 -41.12 7.90 -3.12
CA GLU A 204 -42.19 7.78 -4.10
C GLU A 204 -43.38 7.05 -3.49
N THR A 205 -44.48 7.00 -4.25
CA THR A 205 -45.71 6.42 -3.74
C THR A 205 -45.53 4.96 -3.37
N LEU A 206 -44.94 4.17 -4.25
CA LEU A 206 -44.80 2.73 -4.05
C LEU A 206 -43.51 2.35 -3.32
N GLY A 207 -42.83 3.31 -2.70
CA GLY A 207 -41.73 3.02 -1.80
C GLY A 207 -40.36 3.43 -2.28
N THR A 208 -40.20 3.81 -3.54
CA THR A 208 -38.87 4.13 -4.06
C THR A 208 -38.32 5.39 -3.38
N VAL A 209 -37.12 5.28 -2.84
CA VAL A 209 -36.46 6.39 -2.17
C VAL A 209 -35.47 7.01 -3.14
N LEU A 210 -35.64 8.31 -3.42
CA LEU A 210 -34.80 9.03 -4.37
C LEU A 210 -33.58 9.60 -3.64
N GLN A 211 -32.66 8.69 -3.31
CA GLN A 211 -31.46 9.07 -2.57
C GLN A 211 -30.48 9.79 -3.49
N LEU A 212 -30.01 10.95 -3.04
CA LEU A 212 -29.03 11.74 -3.78
C LEU A 212 -27.66 11.43 -3.16
N LYS A 213 -26.98 10.44 -3.74
CA LYS A 213 -25.71 9.96 -3.18
C LYS A 213 -24.52 10.76 -3.69
N GLN A 214 -24.28 10.75 -5.00
CA GLN A 214 -23.14 11.43 -5.58
C GLN A 214 -23.57 12.17 -6.84
N PRO A 215 -22.99 13.34 -7.10
CA PRO A 215 -23.22 13.98 -8.41
C PRO A 215 -22.72 13.06 -9.52
N LEU A 216 -23.38 13.16 -10.67
CA LEU A 216 -22.99 12.33 -11.80
C LEU A 216 -21.56 12.68 -12.24
N ASN A 217 -20.71 11.67 -12.30
CA ASN A 217 -19.29 11.86 -12.63
C ASN A 217 -19.16 12.01 -14.14
N THR A 218 -19.21 13.25 -14.61
CA THR A 218 -19.06 13.54 -16.03
C THR A 218 -17.65 14.03 -16.37
N THR A 219 -16.73 14.08 -15.40
CA THR A 219 -15.36 14.49 -15.67
C THR A 219 -14.46 13.31 -15.99
N ARG A 220 -14.79 12.11 -15.51
CA ARG A 220 -14.02 10.92 -15.89
C ARG A 220 -14.25 10.59 -17.36
N ILE A 221 -13.18 10.62 -18.14
CA ILE A 221 -13.26 10.33 -19.57
C ILE A 221 -12.27 9.23 -19.91
N ASN A 222 -12.58 8.49 -20.97
CA ASN A 222 -11.63 7.55 -21.54
C ASN A 222 -10.45 8.32 -22.14
N ALA A 223 -9.24 7.80 -21.92
CA ALA A 223 -8.03 8.56 -22.26
C ALA A 223 -7.94 8.89 -23.74
N ALA A 224 -8.47 8.02 -24.61
CA ALA A 224 -8.44 8.28 -26.05
C ALA A 224 -9.31 9.47 -26.45
N GLU A 225 -10.29 9.83 -25.63
CA GLU A 225 -11.20 10.94 -25.91
C GLU A 225 -10.73 12.25 -25.30
N ILE A 226 -9.44 12.37 -24.95
CA ILE A 226 -8.96 13.58 -24.28
C ILE A 226 -9.07 14.78 -25.21
N GLU A 227 -8.75 14.60 -26.49
CA GLU A 227 -8.77 15.73 -27.43
C GLU A 227 -10.18 16.28 -27.59
N SER A 228 -11.18 15.39 -27.64
CA SER A 228 -12.56 15.85 -27.73
C SER A 228 -12.94 16.70 -26.51
N ARG A 229 -12.57 16.24 -25.32
CA ARG A 229 -12.91 16.99 -24.11
C ARG A 229 -12.15 18.31 -24.05
N VAL A 230 -10.90 18.33 -24.48
CA VAL A 230 -10.14 19.59 -24.50
C VAL A 230 -10.80 20.59 -25.45
N ARG A 231 -11.35 20.10 -26.56
CA ARG A 231 -12.07 20.97 -27.48
C ARG A 231 -13.33 21.54 -26.85
N GLU A 232 -14.11 20.69 -26.16
CA GLU A 232 -15.32 21.19 -25.49
C GLU A 232 -14.98 22.18 -24.39
N LEU A 233 -13.98 21.85 -23.56
CA LEU A 233 -13.61 22.73 -22.46
C LEU A 233 -13.02 24.05 -22.92
N SER A 234 -12.45 24.10 -24.12
CA SER A 234 -11.87 25.33 -24.65
C SER A 234 -12.91 26.28 -25.23
N LYS A 235 -14.13 25.80 -25.49
CA LYS A 235 -15.19 26.67 -26.00
C LYS A 235 -15.76 27.53 -24.88
N GLN A 245 -14.44 30.20 -20.53
CA GLN A 245 -14.47 28.90 -21.19
C GLN A 245 -14.91 27.79 -20.23
N GLY A 246 -15.08 26.57 -20.77
CA GLY A 246 -15.47 25.46 -19.93
C GLY A 246 -14.42 25.04 -18.94
N PHE A 247 -13.14 25.27 -19.27
CA PHE A 247 -12.06 25.05 -18.30
C PHE A 247 -12.33 25.82 -17.02
N TRP A 248 -12.74 27.07 -17.14
CA TRP A 248 -12.99 27.92 -15.98
C TRP A 248 -14.11 27.34 -15.12
N GLU A 249 -15.21 26.90 -15.74
CA GLU A 249 -16.34 26.38 -14.98
C GLU A 249 -15.97 25.11 -14.23
N GLU A 250 -15.21 24.21 -14.87
CA GLU A 250 -14.82 22.98 -14.20
C GLU A 250 -13.82 23.26 -13.08
N PHE A 251 -12.92 24.21 -13.29
CA PHE A 251 -11.90 24.52 -12.29
C PHE A 251 -12.53 25.12 -11.03
N GLU A 252 -13.45 26.06 -11.18
CA GLU A 252 -14.08 26.66 -10.02
C GLU A 252 -15.03 25.70 -9.32
N THR A 253 -15.55 24.70 -10.04
CA THR A 253 -16.27 23.62 -9.38
C THR A 253 -15.34 22.82 -8.48
N LEU A 254 -14.09 22.60 -8.93
CA LEU A 254 -13.10 21.97 -8.07
C LEU A 254 -12.78 22.86 -6.87
N GLN A 255 -12.68 24.17 -7.09
CA GLN A 255 -12.35 25.08 -5.99
C GLN A 255 -13.46 25.11 -4.94
N GLN A 256 -14.71 25.00 -5.36
CA GLN A 256 -15.82 25.11 -4.42
C GLN A 256 -15.80 24.03 -3.36
N GLN A 257 -15.07 22.93 -3.59
CA GLN A 257 -15.03 21.81 -2.66
C GLN A 257 -13.79 21.83 -1.76
N GLU A 258 -12.98 22.90 -1.83
CA GLU A 258 -11.79 22.96 -1.00
C GLU A 258 -12.13 23.10 0.48
N CYS A 259 -13.33 23.59 0.81
CA CYS A 259 -13.72 23.71 2.21
C CYS A 259 -13.83 22.35 2.89
N LYS A 260 -13.90 21.26 2.12
CA LYS A 260 -13.91 19.91 2.67
C LYS A 260 -12.51 19.41 2.99
N LEU A 261 -11.47 20.19 2.70
CA LEU A 261 -10.08 19.76 2.88
C LEU A 261 -9.38 20.55 3.98
N LEU A 262 -10.13 21.14 4.90
CA LEU A 262 -9.58 21.92 6.00
C LEU A 262 -9.10 21.01 7.13
N TYR A 263 -8.17 20.13 6.77
CA TYR A 263 -7.66 19.15 7.73
C TYR A 263 -6.73 19.81 8.74
N SER A 264 -6.45 19.07 9.82
CA SER A 264 -5.65 19.58 10.91
C SER A 264 -4.21 19.85 10.47
N ARG A 265 -3.67 20.97 10.93
CA ARG A 265 -2.30 21.39 10.62
C ARG A 265 -1.63 21.93 11.88
N LYS A 266 -1.75 21.18 12.98
CA LYS A 266 -1.32 21.69 14.28
C LYS A 266 0.20 21.69 14.44
N GLU A 267 0.88 20.65 13.96
CA GLU A 267 2.32 20.53 14.22
C GLU A 267 3.08 21.70 13.62
N GLY A 268 2.67 22.17 12.44
CA GLY A 268 3.33 23.30 11.80
C GLY A 268 3.04 24.64 12.43
N GLN A 269 2.13 24.70 13.40
CA GLN A 269 1.81 25.93 14.11
C GLN A 269 2.49 26.03 15.47
N ARG A 270 3.03 24.93 15.98
CA ARG A 270 3.74 24.97 17.26
C ARG A 270 4.89 25.95 17.18
N GLN A 271 5.21 26.57 18.33
CA GLN A 271 6.22 27.63 18.35
C GLN A 271 7.56 27.14 17.81
N GLU A 272 7.94 25.91 18.13
CA GLU A 272 9.24 25.40 17.71
C GLU A 272 9.32 25.12 16.21
N ASN A 273 8.19 25.08 15.50
CA ASN A 273 8.17 24.75 14.08
C ASN A 273 7.79 25.92 13.19
N LYS A 274 7.55 27.11 13.76
CA LYS A 274 7.11 28.23 12.93
C LYS A 274 8.21 28.66 11.96
N ASN A 275 9.45 28.75 12.43
CA ASN A 275 10.55 29.19 11.58
C ASN A 275 11.09 28.09 10.67
N LYS A 276 10.44 26.94 10.61
CA LYS A 276 10.78 25.91 9.64
C LYS A 276 9.87 25.96 8.42
N ASN A 277 8.92 26.89 8.38
CA ASN A 277 7.98 27.04 7.28
C ASN A 277 8.37 28.27 6.47
N ARG A 278 8.40 28.12 5.15
CA ARG A 278 8.68 29.26 4.29
C ARG A 278 7.65 30.36 4.49
N TYR A 279 6.38 29.99 4.60
CA TYR A 279 5.30 30.92 4.90
C TYR A 279 4.52 30.37 6.07
N LYS A 280 4.24 31.23 7.06
CA LYS A 280 3.76 30.77 8.35
C LYS A 280 2.42 30.04 8.26
N ASN A 281 1.63 30.32 7.23
CA ASN A 281 0.28 29.78 7.13
C ASN A 281 0.12 28.74 6.03
N ILE A 282 1.21 28.35 5.36
CA ILE A 282 1.18 27.28 4.37
C ILE A 282 1.84 26.07 5.02
N LEU A 283 1.03 25.17 5.56
CA LEU A 283 1.48 24.12 6.46
C LEU A 283 1.12 22.75 5.94
N PRO A 284 1.83 21.70 6.39
CA PRO A 284 1.46 20.34 6.00
C PRO A 284 0.37 19.76 6.91
N PHE A 285 -0.53 18.99 6.29
CA PHE A 285 -1.56 18.28 7.06
C PHE A 285 -0.90 17.34 8.05
N ASP A 286 -1.39 17.35 9.29
CA ASP A 286 -0.82 16.49 10.32
C ASP A 286 -0.86 15.03 9.93
N HIS A 287 -1.94 14.60 9.26
CA HIS A 287 -2.16 13.19 9.01
C HIS A 287 -1.36 12.66 7.83
N THR A 288 -0.68 13.51 7.07
CA THR A 288 0.15 13.06 5.97
C THR A 288 1.57 13.61 6.00
N ARG A 289 1.91 14.44 6.98
CA ARG A 289 3.22 15.07 7.01
C ARG A 289 4.30 14.01 7.19
N VAL A 290 5.51 14.35 6.75
CA VAL A 290 6.67 13.50 6.98
C VAL A 290 7.16 13.70 8.40
N VAL A 291 7.29 12.62 9.15
CA VAL A 291 7.78 12.66 10.52
C VAL A 291 9.23 12.24 10.50
N LEU A 292 10.12 13.11 10.96
CA LEU A 292 11.55 12.82 10.97
C LEU A 292 11.92 12.11 12.26
N HIS A 293 12.61 10.99 12.13
CA HIS A 293 13.12 10.26 13.29
C HIS A 293 14.64 10.39 13.33
N SER A 302 14.27 16.85 16.46
CA SER A 302 12.89 17.20 16.17
C SER A 302 12.39 16.46 14.94
N ASP A 303 11.06 16.37 14.83
CA ASP A 303 10.42 15.50 13.84
C ASP A 303 9.69 16.26 12.75
N TYR A 304 9.88 17.57 12.64
CA TYR A 304 9.06 18.38 11.75
C TYR A 304 9.82 18.84 10.51
N ILE A 305 9.15 18.73 9.37
CA ILE A 305 9.55 19.40 8.14
C ILE A 305 8.28 19.68 7.34
N ASN A 306 8.22 20.85 6.72
CA ASN A 306 7.07 21.18 5.88
C ASN A 306 7.07 20.29 4.64
N ALA A 307 6.48 19.10 4.76
CA ALA A 307 6.50 18.10 3.70
C ALA A 307 5.35 17.13 3.93
N ASN A 308 4.81 16.59 2.83
CA ASN A 308 3.75 15.59 2.90
C ASN A 308 4.03 14.46 1.93
N ILE A 309 3.64 13.25 2.33
CA ILE A 309 3.63 12.09 1.45
C ILE A 309 2.38 12.17 0.58
N ILE A 310 2.56 12.05 -0.73
CA ILE A 310 1.46 12.01 -1.68
C ILE A 310 1.37 10.58 -2.19
N MET A 311 0.29 9.89 -1.81
CA MET A 311 0.01 8.55 -2.31
C MET A 311 -1.19 8.60 -3.24
N PRO A 312 -1.04 8.22 -4.51
CA PRO A 312 -2.17 8.09 -5.45
C PRO A 312 -3.09 6.93 -5.09
N LYS A 325 4.22 4.16 -7.29
CA LYS A 325 5.09 5.32 -7.08
C LYS A 325 4.38 6.38 -6.23
N SER A 326 5.02 6.78 -5.13
CA SER A 326 4.51 7.84 -4.27
C SER A 326 5.45 9.04 -4.34
N TYR A 327 5.04 10.12 -3.67
CA TYR A 327 5.77 11.37 -3.77
C TYR A 327 5.88 12.02 -2.40
N ILE A 328 6.92 12.82 -2.22
CA ILE A 328 7.01 13.74 -1.11
C ILE A 328 6.93 15.14 -1.69
N ALA A 329 5.87 15.87 -1.35
CA ALA A 329 5.71 17.26 -1.75
C ALA A 329 6.17 18.14 -0.60
N THR A 330 7.16 18.99 -0.85
CA THR A 330 7.70 19.84 0.20
C THR A 330 8.08 21.19 -0.38
N GLN A 331 8.50 22.09 0.50
CA GLN A 331 8.80 23.47 0.14
C GLN A 331 10.26 23.60 -0.28
N GLY A 332 10.60 24.76 -0.84
CA GLY A 332 12.00 25.11 -0.98
C GLY A 332 12.66 25.22 0.38
N CYS A 333 13.93 24.83 0.44
CA CYS A 333 14.63 24.82 1.71
C CYS A 333 14.80 26.24 2.25
N LEU A 334 14.88 26.33 3.56
CA LEU A 334 15.45 27.47 4.25
C LEU A 334 16.82 27.08 4.78
N GLN A 335 17.65 28.08 5.06
CA GLN A 335 18.99 27.79 5.58
C GLN A 335 18.92 26.93 6.83
N ASN A 336 17.89 27.12 7.66
CA ASN A 336 17.76 26.38 8.90
C ASN A 336 17.05 25.04 8.74
N THR A 337 16.58 24.69 7.54
CA THR A 337 15.96 23.38 7.32
C THR A 337 16.73 22.51 6.33
N VAL A 338 17.90 22.96 5.87
CA VAL A 338 18.67 22.16 4.90
C VAL A 338 19.02 20.79 5.48
N ASN A 339 19.47 20.76 6.72
CA ASN A 339 19.81 19.48 7.35
C ASN A 339 18.59 18.59 7.52
N ASP A 340 17.44 19.18 7.84
CA ASP A 340 16.21 18.38 7.94
C ASP A 340 15.82 17.81 6.58
N PHE A 341 16.02 18.57 5.51
CA PHE A 341 15.74 18.08 4.17
C PHE A 341 16.53 16.81 3.88
N TRP A 342 17.83 16.82 4.16
CA TRP A 342 18.65 15.65 3.87
C TRP A 342 18.31 14.48 4.80
N ARG A 343 17.99 14.77 6.06
CA ARG A 343 17.46 13.73 6.95
C ARG A 343 16.24 13.05 6.34
N MET A 344 15.33 13.84 5.77
CA MET A 344 14.13 13.29 5.15
C MET A 344 14.48 12.42 3.95
N VAL A 345 15.33 12.93 3.05
CA VAL A 345 15.74 12.17 1.88
C VAL A 345 16.33 10.83 2.29
N PHE A 346 17.21 10.85 3.30
CA PHE A 346 17.85 9.62 3.75
C PHE A 346 16.85 8.68 4.39
N GLN A 347 16.00 9.20 5.28
CA GLN A 347 15.08 8.35 6.04
C GLN A 347 14.07 7.66 5.12
N GLU A 348 13.57 8.37 4.11
CA GLU A 348 12.54 7.83 3.24
C GLU A 348 13.11 7.04 2.07
N ASN A 349 14.43 6.90 1.98
CA ASN A 349 15.10 6.14 0.93
C ASN A 349 14.82 6.72 -0.46
N SER A 350 14.53 8.03 -0.51
CA SER A 350 14.31 8.69 -1.78
C SER A 350 15.59 8.72 -2.60
N ARG A 351 15.45 8.48 -3.90
CA ARG A 351 16.59 8.44 -4.81
C ARG A 351 16.47 9.44 -5.95
N VAL A 352 15.35 10.15 -6.06
CA VAL A 352 15.13 11.13 -7.12
C VAL A 352 14.52 12.37 -6.51
N ILE A 353 15.02 13.55 -6.91
CA ILE A 353 14.50 14.83 -6.47
C ILE A 353 14.18 15.66 -7.69
N VAL A 354 12.99 16.25 -7.72
CA VAL A 354 12.59 17.18 -8.75
C VAL A 354 12.52 18.57 -8.14
N MET A 355 13.30 19.50 -8.68
CA MET A 355 13.20 20.91 -8.33
C MET A 355 12.40 21.61 -9.43
N THR A 356 11.37 22.37 -9.02
CA THR A 356 10.44 22.96 -9.96
C THR A 356 10.77 24.41 -10.33
N THR A 357 11.69 25.05 -9.61
CA THR A 357 12.01 26.45 -9.85
C THR A 357 13.51 26.64 -9.95
N LYS A 358 13.92 27.77 -10.51
CA LYS A 358 15.30 28.21 -10.38
C LYS A 358 15.58 28.59 -8.93
N GLU A 359 16.86 28.65 -8.58
CA GLU A 359 17.21 29.14 -7.24
C GLU A 359 16.66 30.53 -7.02
N VAL A 360 16.72 31.39 -8.03
CA VAL A 360 16.25 32.76 -7.95
C VAL A 360 15.40 33.04 -9.18
N GLU A 361 14.25 33.68 -8.96
CA GLU A 361 13.39 34.14 -10.05
C GLU A 361 12.92 35.54 -9.70
N ARG A 362 13.12 36.47 -10.63
CA ARG A 362 12.72 37.88 -10.44
C ARG A 362 13.38 38.47 -9.20
N GLY A 363 14.62 38.08 -8.94
CA GLY A 363 15.37 38.61 -7.81
C GLY A 363 14.98 38.05 -6.46
N LYS A 364 13.98 37.18 -6.39
CA LYS A 364 13.53 36.61 -5.13
C LYS A 364 13.96 35.16 -5.02
N SER A 365 14.45 34.78 -3.84
CA SER A 365 14.86 33.41 -3.61
C SER A 365 13.65 32.48 -3.65
N LYS A 366 13.66 31.52 -4.58
CA LYS A 366 12.60 30.53 -4.68
C LYS A 366 13.02 29.14 -4.22
N CYS A 367 14.31 28.82 -4.28
CA CYS A 367 14.76 27.49 -3.86
C CYS A 367 16.22 27.60 -3.44
N VAL A 368 16.46 27.67 -2.12
CA VAL A 368 17.79 27.83 -1.58
C VAL A 368 18.68 26.64 -1.96
N LYS A 369 19.91 26.94 -2.34
CA LYS A 369 20.86 25.89 -2.72
C LYS A 369 21.21 25.03 -1.51
N TYR A 370 21.04 23.72 -1.66
CA TYR A 370 21.26 22.77 -0.57
C TYR A 370 22.18 21.64 -0.97
N TRP A 371 22.80 21.71 -2.14
CA TRP A 371 23.70 20.70 -2.65
C TRP A 371 25.09 21.31 -2.83
N PRO A 372 26.14 20.50 -2.80
CA PRO A 372 27.48 21.03 -3.05
C PRO A 372 27.71 21.32 -4.52
N ASP A 373 28.65 22.22 -4.78
CA ASP A 373 29.08 22.46 -6.15
C ASP A 373 29.63 21.17 -6.75
N GLU A 374 29.67 21.12 -8.08
CA GLU A 374 30.14 19.92 -8.76
C GLU A 374 31.54 19.53 -8.29
N TYR A 375 31.73 18.24 -8.02
CA TYR A 375 32.91 17.57 -7.50
C TYR A 375 33.16 17.87 -6.01
N ALA A 376 32.40 18.77 -5.39
CA ALA A 376 32.65 19.10 -3.99
C ALA A 376 31.98 18.10 -3.05
N LEU A 377 32.36 18.17 -1.79
CA LEU A 377 31.83 17.32 -0.73
C LEU A 377 31.49 18.19 0.48
N LYS A 378 30.26 18.04 0.99
CA LYS A 378 29.81 18.88 2.10
C LYS A 378 29.01 18.05 3.07
N GLU A 379 29.06 18.44 4.34
CA GLU A 379 28.29 17.80 5.40
C GLU A 379 27.16 18.73 5.81
N TYR A 380 25.96 18.16 5.92
CA TYR A 380 24.76 18.86 6.38
C TYR A 380 24.30 18.10 7.62
N GLY A 381 24.72 18.56 8.79
CA GLY A 381 24.45 17.79 10.00
C GLY A 381 25.18 16.47 9.94
N VAL A 382 24.45 15.38 10.21
CA VAL A 382 25.03 14.04 10.13
C VAL A 382 25.02 13.47 8.72
N MET A 383 24.48 14.19 7.75
CA MET A 383 24.39 13.73 6.37
C MET A 383 25.56 14.29 5.56
N ARG A 384 26.19 13.44 4.77
CA ARG A 384 27.28 13.82 3.88
C ARG A 384 26.84 13.66 2.44
N VAL A 385 27.14 14.64 1.60
CA VAL A 385 26.68 14.66 0.22
C VAL A 385 27.85 15.03 -0.68
N ARG A 386 28.15 14.17 -1.64
CA ARG A 386 29.08 14.52 -2.72
C ARG A 386 28.30 14.80 -3.99
N ASN A 387 28.66 15.88 -4.68
CA ASN A 387 28.13 16.16 -6.02
C ASN A 387 29.08 15.50 -7.01
N VAL A 388 28.66 14.37 -7.58
CA VAL A 388 29.55 13.55 -8.40
C VAL A 388 29.70 14.14 -9.79
N LYS A 389 28.58 14.53 -10.41
CA LYS A 389 28.61 14.97 -11.80
C LYS A 389 27.34 15.75 -12.08
N GLU A 390 27.46 16.81 -12.87
CA GLU A 390 26.32 17.57 -13.35
C GLU A 390 26.23 17.44 -14.86
N SER A 391 25.03 17.19 -15.37
CA SER A 391 24.76 17.10 -16.80
C SER A 391 23.65 18.10 -17.16
N ALA A 392 23.88 18.88 -18.21
CA ALA A 392 22.99 19.98 -18.59
C ALA A 392 22.18 19.58 -19.81
N ALA A 393 20.86 19.52 -19.65
CA ALA A 393 19.94 19.40 -20.76
C ALA A 393 19.35 20.77 -21.05
N HIS A 394 18.49 20.85 -22.06
CA HIS A 394 17.94 22.15 -22.45
C HIS A 394 16.99 22.68 -21.39
N ASP A 395 16.08 21.84 -20.90
CA ASP A 395 15.05 22.30 -19.97
C ASP A 395 15.42 22.08 -18.51
N TYR A 396 16.50 21.37 -18.21
CA TYR A 396 16.80 21.03 -16.82
C TYR A 396 18.27 20.69 -16.69
N THR A 397 18.72 20.59 -15.45
CA THR A 397 20.06 20.14 -15.10
C THR A 397 19.94 18.91 -14.21
N LEU A 398 20.79 17.92 -14.47
CA LEU A 398 20.83 16.71 -13.67
C LEU A 398 22.09 16.72 -12.81
N ARG A 399 21.91 16.56 -11.50
CA ARG A 399 23.04 16.46 -10.58
C ARG A 399 23.04 15.08 -9.95
N GLU A 400 24.14 14.35 -10.13
CA GLU A 400 24.30 13.03 -9.52
C GLU A 400 24.95 13.22 -8.15
N LEU A 401 24.18 13.00 -7.09
CA LEU A 401 24.62 13.20 -5.73
C LEU A 401 24.76 11.86 -5.01
N LYS A 402 25.71 11.78 -4.11
CA LYS A 402 25.91 10.59 -3.27
C LYS A 402 25.67 10.99 -1.83
N LEU A 403 24.61 10.44 -1.22
CA LEU A 403 24.23 10.75 0.14
C LEU A 403 24.59 9.60 1.07
N SER A 404 25.16 9.92 2.23
CA SER A 404 25.47 8.92 3.24
C SER A 404 25.43 9.57 4.62
N LYS A 405 25.32 8.74 5.65
CA LYS A 405 25.40 9.22 7.02
C LYS A 405 26.85 9.17 7.49
N VAL A 406 27.28 10.23 8.18
CA VAL A 406 28.67 10.33 8.59
C VAL A 406 29.02 9.17 9.52
N GLY A 407 30.25 8.65 9.37
CA GLY A 407 30.70 7.51 10.14
C GLY A 407 30.16 6.17 9.68
N GLN A 408 29.37 6.12 8.59
CA GLN A 408 28.74 4.88 8.13
C GLN A 408 28.76 4.85 6.61
N GLY A 409 29.91 4.50 6.03
CA GLY A 409 30.04 4.43 4.59
C GLY A 409 29.14 3.42 3.94
N ASN A 410 28.68 2.41 4.70
CA ASN A 410 27.77 1.41 4.16
C ASN A 410 26.41 1.99 3.78
N THR A 411 26.04 3.14 4.35
CA THR A 411 24.73 3.73 4.14
C THR A 411 24.62 4.54 2.86
N GLU A 412 25.64 4.50 2.00
CA GLU A 412 25.70 5.39 0.85
C GLU A 412 24.71 4.98 -0.24
N ARG A 413 24.05 5.96 -0.83
CA ARG A 413 23.17 5.74 -1.96
C ARG A 413 23.26 6.95 -2.89
N THR A 414 22.93 6.72 -4.16
CA THR A 414 22.93 7.79 -5.16
C THR A 414 21.56 8.45 -5.21
N VAL A 415 21.55 9.78 -5.23
CA VAL A 415 20.34 10.57 -5.33
C VAL A 415 20.45 11.40 -6.60
N TRP A 416 19.50 11.23 -7.51
CA TRP A 416 19.52 11.91 -8.79
C TRP A 416 18.64 13.15 -8.69
N GLN A 417 19.25 14.33 -8.83
CA GLN A 417 18.56 15.60 -8.65
C GLN A 417 18.23 16.18 -10.03
N TYR A 418 16.94 16.25 -10.34
CA TYR A 418 16.45 16.80 -11.60
C TYR A 418 15.92 18.20 -11.36
N HIS A 419 16.65 19.20 -11.85
CA HIS A 419 16.36 20.61 -11.58
C HIS A 419 15.78 21.24 -12.85
N PHE A 420 14.45 21.36 -12.90
CA PHE A 420 13.79 21.99 -14.05
C PHE A 420 14.02 23.49 -14.01
N ARG A 421 14.41 24.07 -15.15
CA ARG A 421 14.86 25.44 -15.17
C ARG A 421 14.18 26.36 -16.19
N THR A 422 13.28 25.85 -17.02
CA THR A 422 12.68 26.65 -18.07
C THR A 422 11.20 26.96 -17.82
N TRP A 423 10.73 26.77 -16.60
CA TRP A 423 9.37 27.16 -16.27
C TRP A 423 9.29 28.69 -16.21
N PRO A 424 8.31 29.32 -16.86
CA PRO A 424 8.27 30.77 -16.91
C PRO A 424 8.11 31.41 -15.54
N ASP A 425 8.55 32.66 -15.44
CA ASP A 425 8.44 33.41 -14.19
C ASP A 425 6.99 33.77 -13.91
N GLY A 427 3.64 32.34 -15.71
CA GLY A 427 2.42 31.55 -15.73
C GLY A 427 2.65 30.06 -15.82
N VAL A 428 2.38 29.48 -16.98
CA VAL A 428 2.70 28.07 -17.25
C VAL A 428 3.37 27.98 -18.61
N PRO A 429 4.10 26.90 -18.88
CA PRO A 429 4.72 26.75 -20.21
C PRO A 429 3.67 26.69 -21.31
N SER A 430 4.01 27.27 -22.46
CA SER A 430 3.12 27.23 -23.61
C SER A 430 3.18 25.90 -24.36
N ASP A 431 4.27 25.14 -24.20
CA ASP A 431 4.42 23.82 -24.79
C ASP A 431 4.66 22.83 -23.68
N PRO A 432 3.86 21.76 -23.54
CA PRO A 432 4.09 20.78 -22.48
C PRO A 432 5.18 19.77 -22.79
N GLY A 433 5.78 19.81 -23.98
CA GLY A 433 6.75 18.79 -24.35
C GLY A 433 7.93 18.71 -23.41
N GLY A 434 8.48 19.86 -23.03
CA GLY A 434 9.64 19.85 -22.14
C GLY A 434 9.34 19.25 -20.79
N VAL A 435 8.20 19.62 -20.19
CA VAL A 435 7.80 19.04 -18.92
C VAL A 435 7.60 17.54 -19.05
N LEU A 436 6.95 17.11 -20.14
CA LEU A 436 6.67 15.68 -20.33
C LEU A 436 7.96 14.88 -20.53
N ASP A 437 8.85 15.37 -21.39
CA ASP A 437 10.14 14.71 -21.57
C ASP A 437 10.91 14.66 -20.26
N PHE A 438 10.83 15.73 -19.46
CA PHE A 438 11.44 15.76 -18.14
C PHE A 438 10.87 14.66 -17.25
N LEU A 439 9.54 14.59 -17.14
CA LEU A 439 8.92 13.59 -16.29
C LEU A 439 9.17 12.18 -16.83
N GLU A 440 9.23 12.01 -18.14
CA GLU A 440 9.51 10.68 -18.69
C GLU A 440 10.88 10.20 -18.24
N GLU A 441 11.90 11.06 -18.33
CA GLU A 441 13.23 10.69 -17.85
C GLU A 441 13.22 10.44 -16.35
N VAL A 442 12.52 11.28 -15.59
CA VAL A 442 12.44 11.09 -14.14
C VAL A 442 11.82 9.73 -13.82
N HIS A 443 10.79 9.33 -14.55
CA HIS A 443 10.11 8.06 -14.28
C HIS A 443 11.03 6.88 -14.53
N HIS A 444 11.82 6.93 -15.60
CA HIS A 444 12.68 5.79 -15.93
C HIS A 444 13.81 5.66 -14.91
N LYS A 445 14.42 6.77 -14.50
CA LYS A 445 15.42 6.72 -13.44
C LYS A 445 14.84 6.10 -12.17
N GLN A 446 13.64 6.53 -11.78
CA GLN A 446 13.00 5.97 -10.60
C GLN A 446 12.75 4.47 -10.79
N GLU A 447 12.26 4.07 -11.97
CA GLU A 447 11.95 2.66 -12.18
C GLU A 447 13.20 1.79 -12.22
N SER A 448 14.37 2.35 -12.54
CA SER A 448 15.58 1.55 -12.66
C SER A 448 16.25 1.27 -11.31
N ILE A 449 15.76 1.86 -10.22
CA ILE A 449 16.41 1.75 -8.92
C ILE A 449 15.55 0.88 -8.02
N MET A 450 16.09 -0.27 -7.65
CA MET A 450 15.36 -1.22 -6.82
C MET A 450 15.14 -0.66 -5.42
N ASP A 451 13.91 -0.78 -4.92
CA ASP A 451 13.52 -0.35 -3.57
C ASP A 451 13.63 1.16 -3.37
N ALA A 452 13.62 1.95 -4.44
CA ALA A 452 13.68 3.40 -4.29
C ALA A 452 12.44 3.90 -3.55
N GLY A 453 12.64 4.87 -2.67
CA GLY A 453 11.56 5.45 -1.91
C GLY A 453 10.78 6.46 -2.73
N PRO A 454 9.96 7.26 -2.06
CA PRO A 454 9.14 8.24 -2.78
C PRO A 454 10.00 9.28 -3.51
N VAL A 455 9.44 9.81 -4.59
CA VAL A 455 10.11 10.85 -5.37
C VAL A 455 9.85 12.20 -4.70
N VAL A 456 10.92 12.95 -4.46
CA VAL A 456 10.80 14.25 -3.82
C VAL A 456 10.59 15.32 -4.88
N VAL A 457 9.55 16.12 -4.70
CA VAL A 457 9.20 17.23 -5.59
C VAL A 457 9.05 18.47 -4.73
N HIS A 458 9.77 19.54 -5.07
CA HIS A 458 9.80 20.68 -4.15
C HIS A 458 10.26 21.95 -4.84
N CYS A 459 10.19 23.06 -4.09
CA CYS A 459 10.60 24.44 -4.51
C CYS A 459 9.51 25.40 -4.02
N SER A 460 9.81 26.70 -3.98
CA SER A 460 8.81 27.73 -3.57
C SER A 460 8.03 27.24 -2.34
N ALA A 461 6.70 27.32 -2.38
CA ALA A 461 5.89 26.82 -1.27
C ALA A 461 5.58 25.34 -1.38
N GLY A 462 5.83 24.72 -2.53
CA GLY A 462 5.60 23.29 -2.67
C GLY A 462 4.16 22.88 -2.87
N ILE A 463 3.34 23.74 -3.48
CA ILE A 463 1.93 23.40 -3.69
C ILE A 463 1.54 23.66 -5.13
N GLY A 464 2.17 24.66 -5.76
CA GLY A 464 1.76 25.08 -7.10
C GLY A 464 2.34 24.28 -8.25
N ARG A 465 3.55 24.65 -8.69
CA ARG A 465 4.23 23.84 -9.69
C ARG A 465 4.42 22.42 -9.20
N THR A 466 4.69 22.26 -7.89
CA THR A 466 4.88 20.94 -7.32
C THR A 466 3.66 20.07 -7.51
N GLY A 467 2.48 20.59 -7.17
CA GLY A 467 1.25 19.85 -7.40
C GLY A 467 0.97 19.59 -8.86
N THR A 468 1.37 20.53 -9.73
CA THR A 468 1.15 20.35 -11.16
C THR A 468 1.98 19.20 -11.72
N PHE A 469 3.29 19.22 -11.44
CA PHE A 469 4.17 18.12 -11.84
C PHE A 469 3.68 16.78 -11.31
N ILE A 470 3.27 16.72 -10.04
CA ILE A 470 2.86 15.45 -9.45
C ILE A 470 1.58 14.94 -10.11
N VAL A 471 0.60 15.82 -10.34
CA VAL A 471 -0.66 15.37 -10.93
C VAL A 471 -0.44 14.93 -12.37
N ILE A 472 0.35 15.69 -13.14
CA ILE A 472 0.70 15.25 -14.49
C ILE A 472 1.38 13.90 -14.43
N ASP A 473 2.29 13.70 -13.47
CA ASP A 473 3.02 12.45 -13.40
C ASP A 473 2.10 11.28 -13.03
N ILE A 474 1.14 11.52 -12.14
CA ILE A 474 0.18 10.47 -11.78
C ILE A 474 -0.64 10.08 -13.00
N LEU A 475 -1.15 11.08 -13.73
CA LEU A 475 -2.02 10.80 -14.87
C LEU A 475 -1.27 10.09 -15.99
N ILE A 476 -0.08 10.62 -16.33
CA ILE A 476 0.73 10.00 -17.38
C ILE A 476 1.15 8.59 -16.98
N ASP A 477 1.33 8.34 -15.68
CA ASP A 477 1.67 7.01 -15.20
C ASP A 477 0.61 5.99 -15.59
N ILE A 478 -0.66 6.37 -15.45
CA ILE A 478 -1.76 5.47 -15.81
C ILE A 478 -1.72 5.15 -17.30
N ILE A 479 -1.48 6.17 -18.14
CA ILE A 479 -1.51 5.95 -19.57
C ILE A 479 -0.28 5.16 -20.03
N ARG A 480 0.87 5.37 -19.37
CA ARG A 480 2.07 4.64 -19.76
C ARG A 480 1.92 3.14 -19.54
N GLU A 481 1.27 2.75 -18.45
CA GLU A 481 1.12 1.34 -18.13
C GLU A 481 -0.12 0.70 -18.76
N LYS A 482 -1.20 1.46 -18.96
CA LYS A 482 -2.46 0.90 -19.41
C LYS A 482 -2.92 1.46 -20.76
N GLY A 483 -2.05 2.13 -21.49
CA GLY A 483 -2.44 2.64 -22.79
C GLY A 483 -3.60 3.65 -22.75
N VAL A 484 -4.10 3.95 -23.95
CA VAL A 484 -5.16 4.95 -24.09
C VAL A 484 -6.54 4.40 -23.76
N ASP A 485 -6.67 3.09 -23.55
CA ASP A 485 -7.96 2.50 -23.23
C ASP A 485 -8.13 2.40 -21.71
N CYS A 486 -8.11 3.56 -21.06
CA CYS A 486 -8.24 3.64 -19.62
C CYS A 486 -8.94 4.94 -19.26
N ASP A 487 -9.50 4.97 -18.04
CA ASP A 487 -10.23 6.13 -17.55
C ASP A 487 -9.33 7.06 -16.77
N ILE A 488 -9.35 8.35 -17.11
CA ILE A 488 -8.69 9.37 -16.32
C ILE A 488 -9.73 10.40 -15.91
N ASP A 489 -9.51 11.02 -14.75
CA ASP A 489 -10.44 11.98 -14.14
C ASP A 489 -9.58 13.07 -13.50
N VAL A 490 -9.36 14.15 -14.24
CA VAL A 490 -8.42 15.19 -13.80
C VAL A 490 -8.88 15.88 -12.51
N PRO A 491 -10.13 16.36 -12.39
CA PRO A 491 -10.52 17.00 -11.12
C PRO A 491 -10.44 16.05 -9.93
N LYS A 492 -10.88 14.80 -10.10
CA LYS A 492 -10.84 13.86 -8.98
C LYS A 492 -9.41 13.58 -8.55
N THR A 493 -8.50 13.45 -9.52
CA THR A 493 -7.10 13.21 -9.18
C THR A 493 -6.52 14.38 -8.39
N ILE A 494 -6.86 15.61 -8.77
CA ILE A 494 -6.37 16.76 -8.03
C ILE A 494 -6.96 16.81 -6.62
N GLN A 495 -8.26 16.51 -6.49
CA GLN A 495 -8.89 16.54 -5.17
C GLN A 495 -8.30 15.47 -4.26
N MET A 496 -7.97 14.31 -4.82
CA MET A 496 -7.29 13.28 -4.04
C MET A 496 -5.92 13.76 -3.56
N VAL A 497 -5.23 14.56 -4.38
CA VAL A 497 -3.91 15.04 -4.00
C VAL A 497 -4.01 16.23 -3.05
N ARG A 498 -5.03 17.08 -3.23
CA ARG A 498 -5.26 18.19 -2.30
C ARG A 498 -5.66 17.72 -0.91
N SER A 499 -6.17 16.50 -0.77
CA SER A 499 -6.48 15.99 0.55
C SER A 499 -5.24 15.52 1.29
N GLN A 500 -4.09 15.50 0.62
CA GLN A 500 -2.82 15.14 1.23
C GLN A 500 -1.86 16.31 1.39
N ARG A 501 -2.08 17.42 0.69
CA ARG A 501 -1.36 18.66 0.91
C ARG A 501 -2.20 19.81 0.40
N SER A 502 -2.21 20.90 1.17
CA SER A 502 -3.13 22.02 0.90
C SER A 502 -2.79 22.68 -0.43
N GLY A 503 -3.82 22.92 -1.25
CA GLY A 503 -3.68 23.75 -2.42
C GLY A 503 -2.81 23.20 -3.53
N MET A 504 -2.60 21.89 -3.57
CA MET A 504 -1.88 21.30 -4.69
C MET A 504 -2.59 21.62 -6.00
N VAL A 505 -1.84 22.17 -6.95
CA VAL A 505 -2.36 22.82 -8.16
C VAL A 505 -3.07 24.10 -7.75
N GLN A 506 -2.50 25.24 -8.14
CA GLN A 506 -2.92 26.54 -7.60
C GLN A 506 -3.83 27.32 -8.53
N THR A 507 -3.67 27.25 -9.84
CA THR A 507 -4.33 28.18 -10.75
C THR A 507 -5.04 27.46 -11.89
N GLU A 508 -5.97 28.20 -12.50
CA GLU A 508 -6.65 27.72 -13.71
C GLU A 508 -5.66 27.44 -14.83
N ALA A 509 -4.62 28.26 -14.94
CA ALA A 509 -3.61 28.04 -15.98
C ALA A 509 -2.87 26.73 -15.76
N GLN A 510 -2.61 26.37 -14.49
CA GLN A 510 -2.00 25.08 -14.20
C GLN A 510 -3.00 23.95 -14.43
N TYR A 511 -4.27 24.19 -14.08
CA TYR A 511 -5.30 23.19 -14.32
C TYR A 511 -5.44 22.87 -15.80
N ARG A 512 -5.42 23.90 -16.65
CA ARG A 512 -5.48 23.67 -18.09
C ARG A 512 -4.20 23.03 -18.60
N PHE A 513 -3.04 23.45 -18.07
CA PHE A 513 -1.77 22.88 -18.49
C PHE A 513 -1.74 21.38 -18.23
N ILE A 514 -2.36 20.92 -17.14
CA ILE A 514 -2.42 19.49 -16.86
C ILE A 514 -3.17 18.77 -17.97
N TYR A 515 -4.31 19.31 -18.41
CA TYR A 515 -5.04 18.74 -19.53
C TYR A 515 -4.19 18.75 -20.80
N MET A 516 -3.59 19.90 -21.11
CA MET A 516 -2.75 20.00 -22.31
C MET A 516 -1.61 19.00 -22.28
N ALA A 517 -1.00 18.81 -21.11
CA ALA A 517 0.09 17.84 -20.99
C ALA A 517 -0.41 16.42 -21.26
N VAL A 518 -1.55 16.05 -20.66
CA VAL A 518 -2.08 14.70 -20.87
C VAL A 518 -2.45 14.49 -22.34
N GLN A 519 -3.04 15.52 -22.97
CA GLN A 519 -3.37 15.41 -24.39
C GLN A 519 -2.11 15.23 -25.23
N HIS A 520 -1.10 16.05 -24.99
CA HIS A 520 0.14 15.95 -25.76
C HIS A 520 0.78 14.58 -25.60
N TYR A 521 0.80 14.04 -24.38
CA TYR A 521 1.39 12.72 -24.15
C TYR A 521 0.63 11.64 -24.92
N ILE A 522 -0.70 11.72 -24.92
CA ILE A 522 -1.50 10.70 -25.59
C ILE A 522 -1.32 10.79 -27.10
N GLU A 523 -1.23 12.00 -27.64
CA GLU A 523 -0.98 12.16 -29.07
C GLU A 523 0.33 11.50 -29.48
N THR A 524 1.43 11.87 -28.83
CA THR A 524 2.73 11.28 -29.15
C THR A 524 2.80 9.82 -28.76
N ARG B 4 -6.86 -15.89 12.98
CA ARG B 4 -6.03 -14.86 12.35
C ARG B 4 -6.90 -13.88 11.56
N ARG B 5 -8.12 -13.66 12.06
CA ARG B 5 -9.07 -12.80 11.39
C ARG B 5 -8.67 -11.33 11.42
N TRP B 6 -7.64 -10.96 12.19
CA TRP B 6 -7.20 -9.57 12.20
C TRP B 6 -6.40 -9.18 10.97
N PHE B 7 -6.07 -10.14 10.10
CA PHE B 7 -5.38 -9.84 8.85
C PHE B 7 -6.43 -9.65 7.76
N HIS B 8 -6.43 -8.48 7.14
CA HIS B 8 -7.36 -8.17 6.05
C HIS B 8 -6.61 -8.18 4.73
N PRO B 9 -6.74 -9.22 3.92
CA PRO B 9 -5.90 -9.35 2.72
C PRO B 9 -6.19 -8.32 1.63
N ASN B 10 -7.45 -8.17 1.23
CA ASN B 10 -7.81 -7.28 0.14
C ASN B 10 -8.43 -5.98 0.63
N ILE B 11 -7.91 -5.42 1.72
CA ILE B 11 -8.36 -4.14 2.23
C ILE B 11 -7.36 -3.07 1.79
N THR B 12 -7.84 -1.85 1.68
CA THR B 12 -6.99 -0.70 1.38
C THR B 12 -6.76 0.13 2.64
N GLY B 13 -5.89 1.13 2.51
CA GLY B 13 -5.58 1.96 3.65
C GLY B 13 -6.74 2.83 4.09
N VAL B 14 -7.50 3.35 3.11
CA VAL B 14 -8.67 4.15 3.45
C VAL B 14 -9.77 3.27 4.02
N GLU B 15 -9.90 2.04 3.52
CA GLU B 15 -10.88 1.12 4.08
C GLU B 15 -10.50 0.68 5.49
N ALA B 16 -9.20 0.63 5.79
CA ALA B 16 -8.76 0.19 7.11
C ALA B 16 -9.02 1.26 8.17
N GLU B 17 -8.66 2.52 7.86
CA GLU B 17 -8.90 3.61 8.81
C GLU B 17 -10.40 3.75 9.11
N ASN B 18 -11.23 3.66 8.07
CA ASN B 18 -12.67 3.75 8.28
C ASN B 18 -13.19 2.55 9.08
N LEU B 19 -12.59 1.38 8.89
CA LEU B 19 -13.03 0.20 9.65
C LEU B 19 -12.71 0.35 11.13
N LEU B 20 -11.52 0.87 11.47
CA LEU B 20 -11.16 1.05 12.87
C LEU B 20 -11.93 2.21 13.50
N LEU B 21 -12.36 3.19 12.69
CA LEU B 21 -13.05 4.36 13.19
C LEU B 21 -14.54 4.11 13.43
N THR B 22 -15.19 3.35 12.55
CA THR B 22 -16.63 3.14 12.66
C THR B 22 -16.99 1.88 13.44
N ARG B 23 -16.20 0.81 13.30
CA ARG B 23 -16.51 -0.45 13.96
C ARG B 23 -15.47 -0.85 15.01
N GLY B 24 -14.51 0.02 15.30
CA GLY B 24 -13.51 -0.25 16.31
C GLY B 24 -13.49 0.81 17.40
N VAL B 25 -12.70 0.55 18.43
CA VAL B 25 -12.50 1.48 19.53
C VAL B 25 -10.99 1.65 19.74
N ASP B 26 -10.62 2.51 20.69
CA ASP B 26 -9.22 2.73 21.00
C ASP B 26 -8.57 1.42 21.44
N GLY B 27 -7.44 1.08 20.82
CA GLY B 27 -6.79 -0.19 21.04
C GLY B 27 -7.14 -1.24 20.01
N SER B 28 -8.10 -0.97 19.13
CA SER B 28 -8.36 -1.87 18.01
C SER B 28 -7.21 -1.81 17.01
N PHE B 29 -6.99 -2.93 16.32
CA PHE B 29 -5.91 -3.00 15.35
C PHE B 29 -6.25 -4.02 14.28
N LEU B 30 -5.55 -3.89 13.15
CA LEU B 30 -5.61 -4.85 12.07
C LEU B 30 -4.30 -4.79 11.29
N ALA B 31 -4.00 -5.88 10.60
CA ALA B 31 -2.86 -5.93 9.70
C ALA B 31 -3.36 -6.12 8.26
N ARG B 32 -2.57 -5.64 7.31
CA ARG B 32 -2.97 -5.67 5.91
C ARG B 32 -1.72 -5.59 5.06
N PRO B 33 -1.78 -6.04 3.80
CA PRO B 33 -0.67 -5.80 2.88
C PRO B 33 -0.60 -4.33 2.47
N SER B 34 0.58 -3.92 2.05
CA SER B 34 0.78 -2.57 1.55
C SER B 34 0.51 -2.51 0.04
N LYS B 35 0.46 -1.28 -0.47
CA LYS B 35 0.22 -1.07 -1.88
C LYS B 35 0.82 0.27 -2.33
N GLY B 39 5.73 -6.57 -0.81
CA GLY B 39 6.26 -7.33 0.29
C GLY B 39 6.20 -6.60 1.61
N ASP B 40 5.58 -5.42 1.60
CA ASP B 40 5.37 -4.64 2.81
C ASP B 40 3.98 -4.88 3.38
N PHE B 41 3.88 -4.84 4.70
CA PHE B 41 2.61 -4.95 5.40
C PHE B 41 2.47 -3.73 6.31
N THR B 42 1.25 -3.48 6.76
CA THR B 42 0.97 -2.31 7.60
C THR B 42 0.12 -2.73 8.79
N LEU B 43 0.57 -2.36 9.98
CA LEU B 43 -0.17 -2.59 11.22
C LEU B 43 -0.96 -1.33 11.54
N SER B 44 -2.25 -1.34 11.20
CA SER B 44 -3.12 -0.19 11.41
C SER B 44 -3.75 -0.29 12.80
N VAL B 45 -3.43 0.67 13.67
CA VAL B 45 -3.90 0.66 15.05
C VAL B 45 -4.68 1.93 15.31
N ARG B 46 -5.80 1.81 16.01
CA ARG B 46 -6.55 2.97 16.48
C ARG B 46 -6.09 3.34 17.88
N ARG B 47 -5.86 4.63 18.11
CA ARG B 47 -5.44 5.12 19.41
C ARG B 47 -5.89 6.55 19.57
N ASN B 48 -6.54 6.84 20.70
CA ASN B 48 -6.99 8.19 21.04
C ASN B 48 -7.79 8.82 19.89
N GLY B 49 -8.69 8.04 19.31
CA GLY B 49 -9.49 8.48 18.19
C GLY B 49 -8.75 8.57 16.87
N ALA B 50 -7.43 8.41 16.86
CA ALA B 50 -6.64 8.48 15.64
C ALA B 50 -6.20 7.09 15.21
N VAL B 51 -5.90 6.95 13.93
CA VAL B 51 -5.45 5.70 13.35
C VAL B 51 -3.99 5.86 12.95
N THR B 52 -3.10 5.19 13.67
CA THR B 52 -1.67 5.16 13.35
C THR B 52 -1.37 3.93 12.52
N HIS B 53 -0.53 4.10 11.51
CA HIS B 53 -0.11 3.01 10.64
C HIS B 53 1.36 2.72 10.87
N ILE B 54 1.67 1.45 11.14
CA ILE B 54 3.03 1.01 11.46
C ILE B 54 3.50 0.08 10.35
N LYS B 55 4.67 0.38 9.81
CA LYS B 55 5.18 -0.38 8.67
C LYS B 55 5.90 -1.64 9.13
N ILE B 56 5.64 -2.73 8.42
CA ILE B 56 6.30 -4.01 8.64
C ILE B 56 6.88 -4.45 7.29
N GLN B 57 8.19 -4.62 7.25
CA GLN B 57 8.90 -4.97 6.03
C GLN B 57 9.38 -6.42 6.09
N ASN B 58 9.25 -7.13 4.97
CA ASN B 58 9.77 -8.49 4.85
C ASN B 58 10.31 -8.67 3.44
N THR B 59 11.64 -8.70 3.31
CA THR B 59 12.29 -8.89 2.03
C THR B 59 12.66 -10.33 1.75
N GLY B 60 12.37 -11.25 2.67
CA GLY B 60 12.64 -12.65 2.44
C GLY B 60 13.24 -13.34 3.64
N ASP B 61 13.63 -12.57 4.66
CA ASP B 61 14.35 -13.10 5.81
C ASP B 61 13.55 -13.07 7.10
N TYR B 62 12.71 -12.06 7.32
CA TYR B 62 11.90 -11.92 8.53
C TYR B 62 11.02 -10.68 8.37
N TYR B 63 9.99 -10.60 9.21
CA TYR B 63 9.19 -9.39 9.29
C TYR B 63 9.90 -8.38 10.18
N ASP B 64 10.11 -7.18 9.65
CA ASP B 64 10.83 -6.11 10.35
C ASP B 64 9.85 -4.97 10.63
N LEU B 65 9.38 -4.88 11.86
CA LEU B 65 8.49 -3.80 12.26
C LEU B 65 9.29 -2.53 12.47
N TYR B 66 8.96 -1.48 11.73
CA TYR B 66 9.68 -0.22 11.83
C TYR B 66 9.52 0.36 13.23
N GLY B 67 10.64 0.52 13.94
CA GLY B 67 10.60 0.95 15.32
C GLY B 67 10.22 -0.12 16.30
N GLY B 68 10.16 -1.38 15.87
CA GLY B 68 9.82 -2.49 16.74
C GLY B 68 10.89 -3.56 16.65
N GLU B 69 10.46 -4.81 16.74
CA GLU B 69 11.33 -5.96 16.69
C GLU B 69 11.13 -6.72 15.37
N LYS B 70 11.93 -7.77 15.20
CA LYS B 70 11.86 -8.63 14.03
C LYS B 70 11.27 -9.99 14.41
N PHE B 71 10.38 -10.50 13.56
CA PHE B 71 9.55 -11.64 13.93
C PHE B 71 9.50 -12.65 12.81
N ALA B 72 9.22 -13.91 13.18
CA ALA B 72 9.15 -14.98 12.21
C ALA B 72 7.79 -15.01 11.50
N THR B 73 6.72 -14.63 12.19
CA THR B 73 5.38 -14.57 11.60
C THR B 73 4.66 -13.34 12.11
N LEU B 74 3.63 -12.94 11.36
CA LEU B 74 2.79 -11.83 11.83
C LEU B 74 2.01 -12.24 13.08
N ALA B 75 1.60 -13.50 13.16
CA ALA B 75 0.91 -13.97 14.36
C ALA B 75 1.82 -13.89 15.59
N GLU B 76 3.06 -14.35 15.45
CA GLU B 76 4.02 -14.23 16.55
C GLU B 76 4.30 -12.77 16.87
N LEU B 77 4.23 -11.90 15.87
CA LEU B 77 4.38 -10.46 16.12
C LEU B 77 3.21 -9.94 16.95
N VAL B 78 1.98 -10.24 16.53
CA VAL B 78 0.80 -9.78 17.27
C VAL B 78 0.79 -10.36 18.67
N GLN B 79 1.10 -11.66 18.81
CA GLN B 79 1.12 -12.29 20.12
C GLN B 79 2.12 -11.62 21.04
N TYR B 80 3.27 -11.20 20.50
CA TYR B 80 4.32 -10.61 21.32
C TYR B 80 3.88 -9.28 21.92
N TYR B 81 3.20 -8.45 21.13
CA TYR B 81 2.79 -7.13 21.59
C TYR B 81 1.45 -7.14 22.31
N MET B 82 0.63 -8.16 22.09
CA MET B 82 -0.58 -8.36 22.87
C MET B 82 -0.29 -8.97 24.24
N GLU B 83 0.97 -9.17 24.59
CA GLU B 83 1.34 -9.73 25.88
C GLU B 83 2.51 -9.01 26.55
N HIS B 84 3.24 -8.19 25.79
CA HIS B 84 4.43 -7.47 26.31
C HIS B 84 4.26 -5.98 25.99
N GLN B 87 6.29 -2.43 24.37
CA GLN B 87 7.45 -2.13 23.55
C GLN B 87 7.10 -1.49 22.22
N LEU B 88 5.83 -1.48 21.85
CA LEU B 88 5.41 -0.90 20.58
C LEU B 88 5.09 0.59 20.71
N VAL B 95 3.81 4.97 22.51
CA VAL B 95 3.09 3.90 23.18
C VAL B 95 1.83 3.53 22.39
N ILE B 96 1.93 2.48 21.58
CA ILE B 96 0.80 1.96 20.82
C ILE B 96 0.30 0.70 21.52
N GLU B 97 -0.99 0.68 21.86
CA GLU B 97 -1.59 -0.44 22.57
C GLU B 97 -2.33 -1.33 21.57
N LEU B 98 -2.02 -2.62 21.60
CA LEU B 98 -2.69 -3.63 20.78
C LEU B 98 -3.64 -4.40 21.70
N LYS B 99 -4.91 -4.03 21.68
CA LYS B 99 -5.90 -4.59 22.59
C LYS B 99 -6.94 -5.45 21.89
N TYR B 100 -7.59 -4.91 20.86
CA TYR B 100 -8.75 -5.57 20.27
C TYR B 100 -8.52 -5.85 18.80
N PRO B 101 -8.28 -7.10 18.40
CA PRO B 101 -8.14 -7.41 16.97
C PRO B 101 -9.47 -7.21 16.26
N LEU B 102 -9.46 -6.37 15.23
CA LEU B 102 -10.64 -6.18 14.39
C LEU B 102 -10.70 -7.34 13.41
N ASN B 103 -11.74 -8.16 13.53
CA ASN B 103 -11.84 -9.40 12.76
C ASN B 103 -12.43 -9.13 11.39
N CYS B 104 -11.89 -9.82 10.40
CA CYS B 104 -12.33 -9.69 9.02
C CYS B 104 -13.38 -10.75 8.69
N ALA B 105 -14.34 -10.38 7.86
CA ALA B 105 -15.40 -11.28 7.43
C ALA B 105 -15.19 -11.81 6.02
N ASP B 106 -14.00 -11.58 5.45
CA ASP B 106 -13.71 -12.08 4.11
C ASP B 106 -13.34 -13.56 4.17
N PRO B 107 -14.05 -14.43 3.47
CA PRO B 107 -13.67 -15.85 3.42
C PRO B 107 -12.65 -16.22 2.35
N THR B 108 -12.07 -15.22 1.66
CA THR B 108 -11.17 -15.50 0.55
C THR B 108 -10.01 -16.40 0.98
N SER B 109 -9.47 -16.18 2.18
CA SER B 109 -8.28 -16.89 2.63
C SER B 109 -8.58 -18.21 3.32
N GLU B 110 -9.84 -18.64 3.35
CA GLU B 110 -10.20 -19.88 4.02
C GLU B 110 -9.89 -21.08 3.13
N ARG B 111 -9.46 -22.17 3.76
CA ARG B 111 -9.10 -23.37 3.03
C ARG B 111 -10.30 -24.02 2.34
N TRP B 112 -11.52 -23.74 2.80
CA TRP B 112 -12.70 -24.38 2.25
C TRP B 112 -13.46 -23.52 1.25
N PHE B 113 -13.08 -22.25 1.08
CA PHE B 113 -13.82 -21.32 0.24
C PHE B 113 -13.25 -21.32 -1.18
N HIS B 114 -14.14 -21.44 -2.16
CA HIS B 114 -13.71 -21.50 -3.56
C HIS B 114 -14.39 -20.46 -4.46
N GLY B 115 -15.09 -19.48 -3.88
CA GLY B 115 -15.66 -18.39 -4.65
C GLY B 115 -16.46 -18.81 -5.86
N HIS B 116 -16.00 -18.44 -7.04
CA HIS B 116 -16.64 -18.81 -8.30
C HIS B 116 -16.27 -20.26 -8.63
N LEU B 117 -17.23 -21.17 -8.50
CA LEU B 117 -16.99 -22.58 -8.79
C LEU B 117 -18.32 -23.23 -9.11
N SER B 118 -18.34 -24.01 -10.18
CA SER B 118 -19.57 -24.69 -10.60
C SER B 118 -19.91 -25.81 -9.62
N GLY B 119 -21.21 -26.12 -9.54
CA GLY B 119 -21.64 -27.23 -8.71
C GLY B 119 -21.23 -28.58 -9.26
N LYS B 120 -21.25 -28.72 -10.59
CA LYS B 120 -20.82 -29.97 -11.21
C LYS B 120 -19.32 -30.16 -11.06
N GLU B 121 -18.55 -29.08 -11.21
CA GLU B 121 -17.12 -29.17 -10.94
C GLU B 121 -16.85 -29.47 -9.47
N ALA B 122 -17.62 -28.85 -8.56
CA ALA B 122 -17.46 -29.14 -7.14
C ALA B 122 -17.86 -30.57 -6.82
N GLU B 123 -18.86 -31.11 -7.52
CA GLU B 123 -19.19 -32.52 -7.35
C GLU B 123 -18.07 -33.41 -7.90
N LYS B 124 -17.49 -33.02 -9.04
CA LYS B 124 -16.37 -33.79 -9.60
C LYS B 124 -15.17 -33.76 -8.66
N LEU B 125 -14.85 -32.58 -8.11
CA LEU B 125 -13.71 -32.46 -7.22
C LEU B 125 -13.90 -33.30 -5.94
N LEU B 126 -15.09 -33.22 -5.34
CA LEU B 126 -15.35 -33.98 -4.13
C LEU B 126 -15.34 -35.48 -4.39
N THR B 127 -15.82 -35.91 -5.55
CA THR B 127 -15.83 -37.34 -5.86
C THR B 127 -14.46 -37.87 -6.22
N GLU B 128 -13.62 -37.06 -6.89
CA GLU B 128 -12.32 -37.52 -7.32
C GLU B 128 -11.23 -37.29 -6.28
N LYS B 129 -11.35 -36.27 -5.45
CA LYS B 129 -10.31 -35.92 -4.49
C LYS B 129 -10.75 -35.98 -3.04
N GLY B 130 -12.05 -36.08 -2.76
CA GLY B 130 -12.53 -35.97 -1.40
C GLY B 130 -12.69 -37.31 -0.70
N LYS B 131 -12.81 -37.24 0.63
CA LYS B 131 -13.10 -38.41 1.45
C LYS B 131 -14.32 -38.11 2.32
N HIS B 132 -14.60 -38.96 3.31
CA HIS B 132 -15.69 -38.68 4.23
C HIS B 132 -15.38 -37.43 5.04
N GLY B 133 -16.29 -36.46 5.00
CA GLY B 133 -16.11 -35.22 5.71
C GLY B 133 -15.45 -34.12 4.92
N SER B 134 -15.03 -34.39 3.68
CA SER B 134 -14.44 -33.33 2.86
C SER B 134 -15.54 -32.37 2.41
N PHE B 135 -15.29 -31.08 2.55
CA PHE B 135 -16.31 -30.09 2.26
C PHE B 135 -15.68 -28.85 1.62
N LEU B 136 -16.53 -28.07 0.97
CA LEU B 136 -16.14 -26.78 0.41
C LEU B 136 -17.35 -25.86 0.43
N VAL B 137 -17.07 -24.57 0.29
CA VAL B 137 -18.11 -23.55 0.17
C VAL B 137 -17.83 -22.75 -1.10
N ARG B 138 -18.85 -22.57 -1.93
CA ARG B 138 -18.73 -21.85 -3.18
C ARG B 138 -19.87 -20.86 -3.30
N GLU B 139 -19.73 -19.93 -4.25
CA GLU B 139 -20.81 -19.02 -4.55
C GLU B 139 -21.85 -19.72 -5.41
N SER B 140 -23.13 -19.50 -5.08
CA SER B 140 -24.21 -20.13 -5.82
C SER B 140 -24.28 -19.56 -7.23
N GLN B 141 -24.26 -20.44 -8.23
CA GLN B 141 -24.33 -20.00 -9.62
C GLN B 141 -25.75 -19.55 -9.99
N SER B 142 -26.75 -20.27 -9.50
CA SER B 142 -28.14 -19.93 -9.79
C SER B 142 -28.55 -18.66 -9.06
N HIS B 143 -28.69 -18.75 -7.73
CA HIS B 143 -29.11 -17.61 -6.92
C HIS B 143 -27.91 -16.76 -6.53
N PRO B 144 -27.71 -15.60 -7.14
CA PRO B 144 -26.52 -14.80 -6.84
C PRO B 144 -26.54 -14.27 -5.41
N GLY B 145 -25.35 -14.03 -4.87
CA GLY B 145 -25.20 -13.59 -3.50
C GLY B 145 -25.29 -14.69 -2.47
N ASP B 146 -25.91 -15.82 -2.79
CA ASP B 146 -25.99 -16.95 -1.90
C ASP B 146 -24.74 -17.82 -2.05
N PHE B 147 -24.66 -18.86 -1.22
CA PHE B 147 -23.53 -19.77 -1.23
C PHE B 147 -24.04 -21.19 -1.08
N VAL B 148 -23.18 -22.16 -1.41
CA VAL B 148 -23.53 -23.57 -1.33
C VAL B 148 -22.44 -24.29 -0.55
N LEU B 149 -22.82 -24.91 0.56
CA LEU B 149 -21.93 -25.79 1.32
C LEU B 149 -22.06 -27.19 0.77
N SER B 150 -21.04 -27.65 0.06
CA SER B 150 -21.00 -29.00 -0.49
C SER B 150 -20.11 -29.87 0.40
N VAL B 151 -20.62 -31.03 0.80
CA VAL B 151 -19.91 -31.92 1.71
C VAL B 151 -20.12 -33.36 1.28
N ARG B 152 -19.03 -34.13 1.30
CA ARG B 152 -19.04 -35.55 0.99
C ARG B 152 -19.10 -36.36 2.28
N THR B 153 -19.94 -37.40 2.28
CA THR B 153 -20.05 -38.30 3.42
C THR B 153 -20.07 -39.74 2.93
N GLY B 154 -19.70 -40.65 3.82
CA GLY B 154 -19.73 -42.07 3.51
C GLY B 154 -18.51 -42.83 3.98
N ASP B 155 -18.20 -43.93 3.29
CA ASP B 155 -17.03 -44.74 3.63
C ASP B 155 -16.15 -44.97 2.40
N LYS B 164 -21.66 -46.28 -1.71
CA LYS B 164 -21.19 -46.25 -0.33
C LYS B 164 -21.03 -44.82 0.18
N SER B 165 -20.92 -43.86 -0.75
CA SER B 165 -20.68 -42.47 -0.40
C SER B 165 -21.57 -41.57 -1.26
N LYS B 166 -21.71 -40.31 -0.83
CA LYS B 166 -22.58 -39.37 -1.51
C LYS B 166 -22.06 -37.95 -1.28
N VAL B 167 -22.62 -37.01 -2.06
CA VAL B 167 -22.33 -35.58 -1.92
C VAL B 167 -23.62 -34.86 -1.62
N THR B 168 -23.63 -34.08 -0.53
CA THR B 168 -24.80 -33.32 -0.11
C THR B 168 -24.52 -31.83 -0.29
N HIS B 169 -25.49 -31.12 -0.85
CA HIS B 169 -25.43 -29.67 -1.02
C HIS B 169 -26.39 -29.01 -0.05
N VAL B 170 -25.90 -28.01 0.69
CA VAL B 170 -26.71 -27.25 1.63
C VAL B 170 -26.64 -25.78 1.24
N MET B 171 -27.79 -25.20 0.92
CA MET B 171 -27.83 -23.82 0.46
C MET B 171 -27.60 -22.86 1.62
N ILE B 172 -26.73 -21.88 1.41
CA ILE B 172 -26.47 -20.83 2.38
C ILE B 172 -27.03 -19.54 1.79
N ARG B 173 -28.04 -18.99 2.45
CA ARG B 173 -28.66 -17.75 2.01
C ARG B 173 -27.98 -16.56 2.69
N CYS B 174 -27.95 -15.44 1.98
CA CYS B 174 -27.44 -14.18 2.51
C CYS B 174 -28.61 -13.20 2.56
N GLN B 175 -29.03 -12.86 3.79
CA GLN B 175 -30.18 -12.00 4.02
C GLN B 175 -29.76 -10.86 4.93
N GLU B 176 -29.70 -9.64 4.38
CA GLU B 176 -29.31 -8.45 5.14
C GLU B 176 -27.93 -8.63 5.78
N LEU B 177 -26.96 -9.05 4.97
CA LEU B 177 -25.56 -9.21 5.34
C LEU B 177 -25.34 -10.34 6.35
N LYS B 178 -26.35 -11.14 6.65
CA LYS B 178 -26.21 -12.29 7.54
C LYS B 178 -26.44 -13.57 6.76
N TYR B 179 -25.86 -14.66 7.24
CA TYR B 179 -25.84 -15.94 6.53
C TYR B 179 -26.53 -17.02 7.35
N ASP B 180 -27.29 -17.88 6.67
CA ASP B 180 -28.01 -18.95 7.34
C ASP B 180 -28.27 -20.07 6.34
N VAL B 181 -28.59 -21.26 6.88
CA VAL B 181 -28.87 -22.42 6.04
C VAL B 181 -30.37 -22.69 6.02
N GLY B 182 -31.17 -21.63 6.12
CA GLY B 182 -32.61 -21.73 6.03
C GLY B 182 -33.33 -21.70 7.37
N GLY B 183 -32.65 -22.03 8.46
CA GLY B 183 -33.25 -21.99 9.78
C GLY B 183 -32.20 -21.90 10.85
N GLY B 184 -32.63 -21.49 12.04
CA GLY B 184 -31.72 -21.37 13.17
C GLY B 184 -31.05 -20.03 13.26
N GLU B 185 -29.76 -20.05 13.60
CA GLU B 185 -28.97 -18.81 13.81
C GLU B 185 -28.63 -18.12 12.49
N ARG B 186 -28.44 -16.81 12.54
CA ARG B 186 -28.01 -16.04 11.36
C ARG B 186 -26.60 -15.54 11.65
N PHE B 187 -25.64 -15.84 10.78
CA PHE B 187 -24.23 -15.57 11.06
C PHE B 187 -23.73 -14.35 10.29
N ASP B 188 -22.80 -13.63 10.92
CA ASP B 188 -22.25 -12.42 10.32
C ASP B 188 -21.27 -12.71 9.19
N SER B 189 -20.76 -13.94 9.11
CA SER B 189 -19.80 -14.29 8.08
C SER B 189 -19.89 -15.77 7.80
N LEU B 190 -19.39 -16.17 6.63
CA LEU B 190 -19.39 -17.58 6.26
C LEU B 190 -18.55 -18.40 7.23
N THR B 191 -17.44 -17.82 7.71
CA THR B 191 -16.56 -18.53 8.62
C THR B 191 -17.27 -18.86 9.93
N ASP B 192 -18.03 -17.89 10.47
CA ASP B 192 -18.83 -18.15 11.66
C ASP B 192 -19.78 -19.31 11.44
N LEU B 193 -20.48 -19.31 10.29
CA LEU B 193 -21.40 -20.40 10.00
C LEU B 193 -20.67 -21.73 9.88
N VAL B 194 -19.51 -21.74 9.20
CA VAL B 194 -18.76 -22.98 9.02
C VAL B 194 -18.25 -23.48 10.37
N GLU B 195 -17.70 -22.59 11.18
CA GLU B 195 -17.18 -23.01 12.49
C GLU B 195 -18.30 -23.53 13.39
N HIS B 196 -19.48 -22.89 13.33
CA HIS B 196 -20.60 -23.36 14.13
C HIS B 196 -21.04 -24.75 13.71
N TYR B 197 -21.13 -24.99 12.41
CA TYR B 197 -21.61 -26.28 11.91
C TYR B 197 -20.50 -27.32 11.82
N LYS B 198 -19.24 -26.93 12.04
CA LYS B 198 -18.20 -27.92 12.24
C LYS B 198 -18.28 -28.56 13.62
N LYS B 199 -18.68 -27.78 14.63
CA LYS B 199 -18.81 -28.28 15.99
C LYS B 199 -20.19 -28.88 16.26
N ASN B 200 -21.24 -28.35 15.64
CA ASN B 200 -22.60 -28.87 15.77
C ASN B 200 -23.10 -29.21 14.38
N PRO B 201 -22.72 -30.37 13.84
CA PRO B 201 -23.05 -30.69 12.44
C PRO B 201 -24.54 -30.96 12.27
N MET B 202 -25.05 -30.53 11.13
CA MET B 202 -26.45 -30.77 10.79
C MET B 202 -26.71 -32.26 10.65
N VAL B 203 -27.95 -32.66 10.94
CA VAL B 203 -28.39 -34.04 10.79
C VAL B 203 -29.60 -34.04 9.87
N GLU B 204 -29.57 -34.89 8.85
CA GLU B 204 -30.69 -34.98 7.92
C GLU B 204 -31.81 -35.81 8.54
N THR B 205 -32.96 -35.81 7.87
CA THR B 205 -34.15 -36.45 8.41
C THR B 205 -33.91 -37.93 8.70
N LEU B 206 -33.27 -38.65 7.77
CA LEU B 206 -33.10 -40.08 7.89
C LEU B 206 -31.80 -40.47 8.60
N GLY B 207 -31.11 -39.52 9.22
CA GLY B 207 -30.01 -39.84 10.12
C GLY B 207 -28.63 -39.41 9.67
N THR B 208 -28.44 -38.98 8.43
CA THR B 208 -27.10 -38.65 7.95
C THR B 208 -26.56 -37.43 8.67
N VAL B 209 -25.37 -37.55 9.24
CA VAL B 209 -24.69 -36.45 9.93
C VAL B 209 -23.71 -35.83 8.94
N LEU B 210 -23.90 -34.53 8.66
CA LEU B 210 -23.05 -33.82 7.70
C LEU B 210 -21.85 -33.24 8.45
N GLN B 211 -20.88 -34.09 8.72
CA GLN B 211 -19.68 -33.69 9.45
C GLN B 211 -18.73 -32.93 8.54
N LEU B 212 -18.26 -31.78 9.02
CA LEU B 212 -17.29 -30.97 8.29
C LEU B 212 -15.91 -31.30 8.86
N LYS B 213 -15.33 -32.39 8.34
CA LYS B 213 -14.10 -32.94 8.91
C LYS B 213 -12.87 -32.19 8.41
N GLN B 214 -12.68 -32.11 7.10
CA GLN B 214 -11.52 -31.43 6.54
C GLN B 214 -11.90 -30.70 5.25
N PRO B 215 -11.33 -29.52 5.01
CA PRO B 215 -11.53 -28.85 3.72
C PRO B 215 -11.08 -29.75 2.58
N LEU B 216 -11.75 -29.61 1.44
CA LEU B 216 -11.37 -30.38 0.27
C LEU B 216 -9.96 -30.02 -0.16
N ASN B 217 -9.11 -31.03 -0.29
CA ASN B 217 -7.69 -30.83 -0.59
C ASN B 217 -7.50 -30.72 -2.10
N THR B 218 -7.50 -29.48 -2.60
CA THR B 218 -7.33 -29.22 -4.02
C THR B 218 -5.91 -28.74 -4.37
N THR B 219 -5.04 -28.60 -3.37
CA THR B 219 -3.66 -28.22 -3.65
C THR B 219 -2.78 -29.41 -3.98
N ARG B 220 -3.19 -30.62 -3.61
CA ARG B 220 -2.44 -31.83 -3.94
C ARG B 220 -2.64 -32.15 -5.42
N ILE B 221 -1.56 -32.08 -6.19
CA ILE B 221 -1.60 -32.34 -7.61
C ILE B 221 -0.64 -33.47 -7.93
N ASN B 222 -0.91 -34.19 -9.01
CA ASN B 222 0.04 -35.16 -9.53
C ASN B 222 1.27 -34.42 -10.06
N ALA B 223 2.44 -35.01 -9.84
CA ALA B 223 3.69 -34.33 -10.17
C ALA B 223 3.78 -33.97 -11.64
N ALA B 224 3.15 -34.76 -12.51
CA ALA B 224 3.22 -34.48 -13.94
C ALA B 224 2.31 -33.35 -14.38
N GLU B 225 1.31 -32.99 -13.57
CA GLU B 225 0.42 -31.88 -13.89
C GLU B 225 0.90 -30.57 -13.27
N ILE B 226 2.19 -30.45 -12.94
CA ILE B 226 2.68 -29.26 -12.24
C ILE B 226 2.61 -28.05 -13.16
N GLU B 227 2.90 -28.22 -14.45
CA GLU B 227 2.90 -27.09 -15.36
C GLU B 227 1.49 -26.55 -15.56
N SER B 228 0.50 -27.43 -15.60
CA SER B 228 -0.89 -26.97 -15.69
C SER B 228 -1.29 -26.16 -14.46
N ARG B 229 -0.92 -26.63 -13.27
CA ARG B 229 -1.25 -25.89 -12.06
C ARG B 229 -0.50 -24.56 -12.01
N VAL B 230 0.74 -24.52 -12.49
CA VAL B 230 1.48 -23.26 -12.51
C VAL B 230 0.82 -22.27 -13.45
N ARG B 231 0.31 -22.75 -14.59
CA ARG B 231 -0.42 -21.87 -15.49
C ARG B 231 -1.70 -21.33 -14.83
N GLU B 232 -2.44 -22.19 -14.13
CA GLU B 232 -3.64 -21.74 -13.45
C GLU B 232 -3.32 -20.73 -12.36
N LEU B 233 -2.30 -21.00 -11.54
CA LEU B 233 -1.95 -20.09 -10.46
C LEU B 233 -1.39 -18.77 -10.96
N SER B 234 -0.87 -18.72 -12.18
CA SER B 234 -0.30 -17.49 -12.73
C SER B 234 -1.34 -16.56 -13.34
N LYS B 235 -2.60 -16.98 -13.44
CA LYS B 235 -3.63 -16.14 -14.01
C LYS B 235 -4.22 -15.23 -12.94
N GLN B 245 -3.41 -12.83 -8.74
CA GLN B 245 -3.14 -14.16 -9.32
C GLN B 245 -3.44 -15.27 -8.33
N GLY B 246 -3.46 -16.51 -8.83
CA GLY B 246 -3.77 -17.64 -7.97
C GLY B 246 -2.72 -17.92 -6.92
N PHE B 247 -1.45 -17.59 -7.21
CA PHE B 247 -0.40 -17.76 -6.22
C PHE B 247 -0.71 -16.97 -4.95
N TRP B 248 -1.15 -15.72 -5.10
CA TRP B 248 -1.41 -14.88 -3.94
C TRP B 248 -2.54 -15.44 -3.09
N GLU B 249 -3.64 -15.84 -3.73
CA GLU B 249 -4.77 -16.40 -2.98
C GLU B 249 -4.37 -17.67 -2.25
N GLU B 250 -3.61 -18.55 -2.90
CA GLU B 250 -3.20 -19.79 -2.25
C GLU B 250 -2.22 -19.52 -1.12
N PHE B 251 -1.28 -18.58 -1.32
CA PHE B 251 -0.30 -18.29 -0.29
C PHE B 251 -0.94 -17.67 0.94
N GLU B 252 -1.89 -16.75 0.75
CA GLU B 252 -2.55 -16.13 1.90
C GLU B 252 -3.44 -17.12 2.63
N THR B 253 -3.96 -18.14 1.93
CA THR B 253 -4.68 -19.20 2.60
C THR B 253 -3.75 -20.00 3.51
N LEU B 254 -2.51 -20.21 3.08
CA LEU B 254 -1.52 -20.85 3.95
C LEU B 254 -1.17 -19.94 5.13
N GLN B 255 -1.03 -18.63 4.87
CA GLN B 255 -0.68 -17.70 5.93
C GLN B 255 -1.77 -17.65 7.00
N GLN B 256 -3.03 -17.73 6.59
CA GLN B 256 -4.14 -17.60 7.54
C GLN B 256 -4.14 -18.70 8.58
N GLN B 257 -3.40 -19.79 8.35
CA GLN B 257 -3.36 -20.90 9.29
C GLN B 257 -2.12 -20.89 10.17
N GLU B 258 -1.34 -19.80 10.15
CA GLU B 258 -0.13 -19.75 10.96
C GLU B 258 -0.43 -19.60 12.45
N CYS B 259 -1.64 -19.16 12.82
CA CYS B 259 -1.98 -19.08 14.23
C CYS B 259 -2.12 -20.44 14.88
N LYS B 260 -2.22 -21.50 14.08
CA LYS B 260 -2.20 -22.86 14.61
C LYS B 260 -0.80 -23.33 14.95
N LEU B 261 0.23 -22.52 14.68
CA LEU B 261 1.62 -22.92 14.86
C LEU B 261 2.32 -22.10 15.94
N LEU B 262 1.55 -21.59 16.89
CA LEU B 262 2.11 -20.82 18.01
C LEU B 262 2.55 -21.77 19.13
N TYR B 263 3.47 -22.66 18.77
CA TYR B 263 3.98 -23.62 19.73
C TYR B 263 4.95 -22.95 20.71
N SER B 264 5.22 -23.66 21.80
CA SER B 264 6.03 -23.12 22.87
C SER B 264 7.47 -22.85 22.41
N ARG B 265 8.05 -21.78 22.93
CA ARG B 265 9.42 -21.35 22.63
C ARG B 265 10.09 -20.84 23.90
N LYS B 266 9.97 -21.61 24.98
CA LYS B 266 10.37 -21.11 26.29
C LYS B 266 11.88 -21.09 26.46
N GLU B 267 12.57 -22.15 26.01
CA GLU B 267 14.02 -22.25 26.23
C GLU B 267 14.76 -21.06 25.65
N GLY B 268 14.36 -20.60 24.46
CA GLY B 268 15.01 -19.46 23.85
C GLY B 268 14.73 -18.14 24.51
N GLN B 269 13.69 -18.07 25.35
CA GLN B 269 13.39 -16.86 26.09
C GLN B 269 14.11 -16.79 27.42
N ARG B 270 14.78 -17.85 27.84
CA ARG B 270 15.47 -17.85 29.11
C ARG B 270 16.66 -16.90 29.08
N GLN B 271 16.97 -16.34 30.26
CA GLN B 271 17.96 -15.27 30.35
C GLN B 271 19.32 -15.71 29.82
N GLU B 272 19.74 -16.93 30.14
CA GLU B 272 21.05 -17.41 29.72
C GLU B 272 21.12 -17.70 28.22
N ASN B 273 19.98 -17.78 27.53
CA ASN B 273 19.93 -18.12 26.12
C ASN B 273 19.55 -16.94 25.23
N LYS B 274 19.29 -15.77 25.81
CA LYS B 274 18.83 -14.64 25.01
C LYS B 274 19.90 -14.18 24.02
N ASN B 275 21.15 -14.10 24.47
CA ASN B 275 22.24 -13.60 23.63
C ASN B 275 22.82 -14.67 22.71
N LYS B 276 22.21 -15.85 22.68
CA LYS B 276 22.56 -16.87 21.70
C LYS B 276 21.67 -16.82 20.47
N ASN B 277 20.70 -15.90 20.45
CA ASN B 277 19.77 -15.74 19.33
C ASN B 277 20.15 -14.51 18.54
N ARG B 278 20.14 -14.65 17.20
CA ARG B 278 20.46 -13.52 16.35
C ARG B 278 19.41 -12.43 16.50
N TYR B 279 18.15 -12.81 16.58
CA TYR B 279 17.05 -11.90 16.90
C TYR B 279 16.30 -12.49 18.07
N LYS B 280 16.07 -11.68 19.10
CA LYS B 280 15.60 -12.20 20.38
C LYS B 280 14.19 -12.80 20.31
N ASN B 281 13.43 -12.50 19.27
CA ASN B 281 12.06 -12.99 19.17
C ASN B 281 11.87 -14.01 18.05
N ILE B 282 12.94 -14.43 17.38
CA ILE B 282 12.89 -15.49 16.38
C ILE B 282 13.55 -16.71 17.02
N LEU B 283 12.73 -17.63 17.51
CA LEU B 283 13.20 -18.66 18.43
C LEU B 283 12.83 -20.05 17.95
N PRO B 284 13.59 -21.07 18.36
CA PRO B 284 13.23 -22.44 18.00
C PRO B 284 12.10 -22.97 18.87
N PHE B 285 11.22 -23.75 18.25
CA PHE B 285 10.18 -24.44 19.00
C PHE B 285 10.82 -25.40 20.01
N ASP B 286 10.27 -25.43 21.22
CA ASP B 286 10.82 -26.29 22.26
C ASP B 286 10.78 -27.76 21.86
N HIS B 287 9.70 -28.17 21.18
CA HIS B 287 9.51 -29.60 20.93
C HIS B 287 10.33 -30.12 19.75
N THR B 288 10.98 -29.25 18.97
CA THR B 288 11.84 -29.70 17.87
C THR B 288 13.25 -29.13 17.94
N ARG B 289 13.58 -28.32 18.94
CA ARG B 289 14.89 -27.69 18.99
C ARG B 289 15.98 -28.74 19.16
N VAL B 290 17.17 -28.40 18.70
CA VAL B 290 18.35 -29.24 18.93
C VAL B 290 18.82 -29.05 20.36
N VAL B 291 18.99 -30.14 21.10
CA VAL B 291 19.48 -30.11 22.46
C VAL B 291 20.93 -30.56 22.46
N LEU B 292 21.81 -29.75 23.04
CA LEU B 292 23.24 -30.02 23.04
C LEU B 292 23.64 -30.71 24.34
N HIS B 293 24.32 -31.84 24.21
CA HIS B 293 24.85 -32.56 25.36
C HIS B 293 26.38 -32.46 25.38
N SER B 302 25.62 -25.00 28.38
CA SER B 302 24.18 -25.11 28.20
C SER B 302 23.86 -26.02 27.04
N ASP B 303 22.57 -26.37 26.95
CA ASP B 303 22.05 -27.28 25.93
C ASP B 303 21.33 -26.56 24.80
N TYR B 304 21.61 -25.27 24.59
CA TYR B 304 20.78 -24.44 23.72
C TYR B 304 21.53 -23.96 22.48
N ILE B 305 20.86 -24.03 21.35
CA ILE B 305 21.27 -23.35 20.13
C ILE B 305 20.00 -23.04 19.33
N ASN B 306 19.97 -21.86 18.70
CA ASN B 306 18.80 -21.54 17.89
C ASN B 306 18.80 -22.43 16.65
N ALA B 307 18.20 -23.61 16.77
CA ALA B 307 18.21 -24.62 15.73
C ALA B 307 17.06 -25.59 15.96
N ASN B 308 16.49 -26.11 14.87
CA ASN B 308 15.39 -27.07 14.93
C ASN B 308 15.65 -28.24 13.98
N ILE B 309 15.33 -29.44 14.45
CA ILE B 309 15.28 -30.60 13.58
C ILE B 309 14.05 -30.52 12.68
N ILE B 310 14.25 -30.69 11.38
CA ILE B 310 13.18 -30.67 10.39
C ILE B 310 13.08 -32.08 9.80
N MET B 311 12.03 -32.81 10.17
CA MET B 311 11.81 -34.16 9.64
C MET B 311 10.61 -34.17 8.72
N PRO B 312 10.75 -34.60 7.46
CA PRO B 312 9.60 -34.72 6.56
C PRO B 312 8.61 -35.79 7.01
N LYS B 325 15.67 -38.66 4.93
CA LYS B 325 16.59 -37.54 5.06
C LYS B 325 15.98 -36.43 5.91
N SER B 326 16.65 -36.05 7.00
CA SER B 326 16.22 -34.98 7.87
C SER B 326 17.18 -33.80 7.75
N TYR B 327 16.74 -32.66 8.28
CA TYR B 327 17.51 -31.42 8.21
C TYR B 327 17.59 -30.77 9.59
N ILE B 328 18.61 -29.94 9.76
CA ILE B 328 18.69 -29.00 10.87
C ILE B 328 18.62 -27.60 10.29
N ALA B 329 17.59 -26.85 10.67
CA ALA B 329 17.42 -25.47 10.24
C ALA B 329 17.86 -24.56 11.38
N THR B 330 18.83 -23.69 11.11
CA THR B 330 19.35 -22.83 12.15
C THR B 330 19.77 -21.50 11.54
N GLN B 331 20.18 -20.58 12.42
CA GLN B 331 20.52 -19.22 12.07
C GLN B 331 21.99 -19.13 11.69
N GLY B 332 22.38 -17.99 11.10
CA GLY B 332 23.78 -17.67 11.02
C GLY B 332 24.42 -17.61 12.40
N CYS B 333 25.67 -18.02 12.47
CA CYS B 333 26.35 -18.02 13.75
C CYS B 333 26.52 -16.60 14.28
N LEU B 334 26.55 -16.49 15.60
CA LEU B 334 27.10 -15.33 16.28
C LEU B 334 28.48 -15.69 16.82
N GLN B 335 29.27 -14.65 17.13
CA GLN B 335 30.60 -14.89 17.68
C GLN B 335 30.54 -15.83 18.88
N ASN B 336 29.54 -15.64 19.74
CA ASN B 336 29.43 -16.44 20.95
C ASN B 336 28.80 -17.81 20.73
N THR B 337 28.29 -18.12 19.53
CA THR B 337 27.67 -19.42 19.28
C THR B 337 28.43 -20.28 18.27
N VAL B 338 29.57 -19.81 17.77
CA VAL B 338 30.35 -20.62 16.83
C VAL B 338 30.71 -21.96 17.45
N ASN B 339 31.16 -21.96 18.72
CA ASN B 339 31.51 -23.21 19.38
C ASN B 339 30.30 -24.14 19.48
N ASP B 340 29.14 -23.59 19.84
CA ASP B 340 27.92 -24.41 19.93
C ASP B 340 27.52 -24.96 18.58
N PHE B 341 27.67 -24.16 17.53
CA PHE B 341 27.37 -24.65 16.19
C PHE B 341 28.19 -25.89 15.87
N TRP B 342 29.50 -25.86 16.18
CA TRP B 342 30.33 -27.02 15.90
C TRP B 342 30.02 -28.20 16.84
N ARG B 343 29.65 -27.91 18.09
CA ARG B 343 29.16 -28.98 18.96
C ARG B 343 27.94 -29.66 18.35
N MET B 344 27.03 -28.87 17.78
CA MET B 344 25.84 -29.45 17.15
C MET B 344 26.22 -30.35 15.99
N VAL B 345 27.04 -29.84 15.06
CA VAL B 345 27.42 -30.62 13.88
C VAL B 345 28.03 -31.94 14.29
N PHE B 346 28.91 -31.92 15.29
CA PHE B 346 29.55 -33.14 15.76
C PHE B 346 28.54 -34.07 16.42
N GLN B 347 27.70 -33.53 17.31
CA GLN B 347 26.77 -34.36 18.06
C GLN B 347 25.75 -35.05 17.15
N GLU B 348 25.27 -34.34 16.14
CA GLU B 348 24.24 -34.86 15.25
C GLU B 348 24.80 -35.68 14.10
N ASN B 349 26.13 -35.87 14.04
CA ASN B 349 26.78 -36.63 12.97
C ASN B 349 26.51 -36.02 11.59
N SER B 350 26.30 -34.72 11.53
CA SER B 350 26.09 -34.03 10.26
C SER B 350 27.36 -34.05 9.42
N ARG B 351 27.19 -34.31 8.13
CA ARG B 351 28.30 -34.34 7.19
C ARG B 351 28.19 -33.32 6.07
N VAL B 352 27.04 -32.67 5.93
CA VAL B 352 26.83 -31.69 4.87
C VAL B 352 26.24 -30.43 5.48
N ILE B 353 26.79 -29.28 5.12
CA ILE B 353 26.29 -27.99 5.56
C ILE B 353 25.96 -27.16 4.32
N VAL B 354 24.80 -26.51 4.34
CA VAL B 354 24.38 -25.59 3.28
C VAL B 354 24.28 -24.19 3.87
N MET B 355 25.08 -23.27 3.34
CA MET B 355 24.95 -21.86 3.68
C MET B 355 24.14 -21.16 2.57
N THR B 356 23.13 -20.40 2.98
CA THR B 356 22.19 -19.80 2.04
C THR B 356 22.53 -18.37 1.65
N THR B 357 23.48 -17.74 2.34
CA THR B 357 23.82 -16.35 2.09
C THR B 357 25.33 -16.17 2.01
N LYS B 358 25.77 -15.06 1.43
CA LYS B 358 27.15 -14.65 1.58
C LYS B 358 27.41 -14.29 3.04
N GLU B 359 28.69 -14.14 3.39
CA GLU B 359 29.03 -13.62 4.71
C GLU B 359 28.46 -12.22 4.90
N VAL B 360 28.69 -11.35 3.92
CA VAL B 360 28.16 -9.99 3.92
C VAL B 360 27.30 -9.82 2.68
N GLU B 361 26.16 -9.16 2.85
CA GLU B 361 25.29 -8.80 1.74
C GLU B 361 24.73 -7.41 1.99
N ARG B 362 24.89 -6.52 1.01
CA ARG B 362 24.46 -5.13 1.13
C ARG B 362 25.05 -4.46 2.35
N GLY B 363 26.34 -4.73 2.62
CA GLY B 363 27.04 -4.14 3.74
C GLY B 363 26.66 -4.68 5.11
N LYS B 364 25.70 -5.59 5.19
CA LYS B 364 25.25 -6.13 6.47
C LYS B 364 25.74 -7.57 6.63
N SER B 365 26.18 -7.90 7.84
CA SER B 365 26.62 -9.25 8.14
C SER B 365 25.41 -10.19 8.18
N LYS B 366 25.38 -11.15 7.25
CA LYS B 366 24.31 -12.13 7.18
C LYS B 366 24.72 -13.52 7.65
N CYS B 367 26.01 -13.83 7.69
CA CYS B 367 26.47 -15.16 8.10
C CYS B 367 27.95 -15.06 8.47
N VAL B 368 28.24 -15.03 9.77
CA VAL B 368 29.61 -14.83 10.24
C VAL B 368 30.45 -16.07 9.90
N LYS B 369 31.72 -15.82 9.61
CA LYS B 369 32.65 -16.89 9.26
C LYS B 369 32.96 -17.76 10.47
N TYR B 370 32.80 -19.06 10.33
CA TYR B 370 33.01 -20.01 11.42
C TYR B 370 33.90 -21.19 11.01
N TRP B 371 34.57 -21.09 9.87
CA TRP B 371 35.48 -22.11 9.38
C TRP B 371 36.86 -21.52 9.19
N PRO B 372 37.92 -22.31 9.32
CA PRO B 372 39.25 -21.77 9.07
C PRO B 372 39.47 -21.49 7.59
N ASP B 373 40.44 -20.61 7.31
CA ASP B 373 40.87 -20.39 5.94
C ASP B 373 41.41 -21.67 5.34
N GLU B 374 41.55 -21.67 4.01
CA GLU B 374 41.96 -22.88 3.30
C GLU B 374 43.33 -23.33 3.78
N TYR B 375 43.42 -24.61 4.14
CA TYR B 375 44.64 -25.27 4.60
C TYR B 375 44.91 -24.96 6.06
N ALA B 376 44.15 -24.03 6.65
CA ALA B 376 44.38 -23.67 8.03
C ALA B 376 43.67 -24.66 8.96
N LEU B 377 44.07 -24.61 10.24
CA LEU B 377 43.49 -25.44 11.28
C LEU B 377 43.17 -24.56 12.48
N LYS B 378 41.94 -24.65 12.98
CA LYS B 378 41.53 -23.86 14.13
C LYS B 378 40.76 -24.74 15.11
N GLU B 379 40.81 -24.36 16.38
CA GLU B 379 40.04 -25.01 17.43
C GLU B 379 38.91 -24.09 17.87
N TYR B 380 37.70 -24.63 17.93
CA TYR B 380 36.53 -23.92 18.41
C TYR B 380 36.05 -24.68 19.64
N GLY B 381 36.44 -24.19 20.81
CA GLY B 381 36.18 -24.95 22.02
C GLY B 381 36.86 -26.30 21.96
N VAL B 382 36.11 -27.37 22.25
CA VAL B 382 36.66 -28.72 22.17
C VAL B 382 36.65 -29.29 20.76
N MET B 383 36.16 -28.54 19.77
CA MET B 383 36.11 -29.02 18.40
C MET B 383 37.28 -28.47 17.60
N ARG B 384 37.88 -29.32 16.76
CA ARG B 384 38.99 -28.96 15.91
C ARG B 384 38.57 -29.11 14.46
N VAL B 385 38.86 -28.10 13.64
CA VAL B 385 38.40 -28.07 12.25
C VAL B 385 39.58 -27.70 11.35
N ARG B 386 39.87 -28.54 10.36
CA ARG B 386 40.81 -28.22 9.30
C ARG B 386 40.05 -27.98 8.01
N ASN B 387 40.40 -26.90 7.32
CA ASN B 387 39.87 -26.62 5.98
C ASN B 387 40.80 -27.28 4.98
N VAL B 388 40.39 -28.43 4.45
CA VAL B 388 41.27 -29.22 3.59
C VAL B 388 41.39 -28.60 2.20
N LYS B 389 40.28 -28.15 1.62
CA LYS B 389 40.31 -27.66 0.24
C LYS B 389 39.03 -26.90 -0.05
N GLU B 390 39.14 -25.86 -0.86
CA GLU B 390 37.99 -25.12 -1.36
C GLU B 390 37.91 -25.29 -2.88
N SER B 391 36.72 -25.61 -3.37
CA SER B 391 36.43 -25.71 -4.79
C SER B 391 35.34 -24.73 -5.16
N ALA B 392 35.58 -23.92 -6.18
CA ALA B 392 34.68 -22.83 -6.55
C ALA B 392 33.90 -23.21 -7.81
N ALA B 393 32.59 -23.19 -7.69
CA ALA B 393 31.68 -23.21 -8.83
C ALA B 393 31.08 -21.81 -8.99
N HIS B 394 30.29 -21.61 -10.05
CA HIS B 394 29.75 -20.28 -10.27
C HIS B 394 28.73 -19.91 -9.20
N ASP B 395 27.82 -20.83 -8.87
CA ASP B 395 26.74 -20.55 -7.94
C ASP B 395 27.12 -20.79 -6.48
N TYR B 396 28.21 -21.52 -6.22
CA TYR B 396 28.53 -21.87 -4.84
C TYR B 396 30.01 -22.16 -4.70
N THR B 397 30.47 -22.23 -3.45
CA THR B 397 31.81 -22.64 -3.11
C THR B 397 31.72 -23.86 -2.20
N LEU B 398 32.52 -24.88 -2.50
CA LEU B 398 32.58 -26.09 -1.69
C LEU B 398 33.81 -26.05 -0.79
N ARG B 399 33.61 -26.26 0.50
CA ARG B 399 34.72 -26.33 1.45
C ARG B 399 34.73 -27.71 2.09
N GLU B 400 35.81 -28.45 1.90
CA GLU B 400 36.00 -29.76 2.50
C GLU B 400 36.61 -29.55 3.89
N LEU B 401 35.82 -29.77 4.93
CA LEU B 401 36.24 -29.56 6.30
C LEU B 401 36.42 -30.90 6.98
N LYS B 402 37.44 -31.00 7.83
CA LYS B 402 37.62 -32.15 8.71
C LYS B 402 37.34 -31.72 10.14
N LEU B 403 36.45 -32.44 10.81
CA LEU B 403 35.98 -32.09 12.14
C LEU B 403 36.32 -33.22 13.10
N SER B 404 36.84 -32.87 14.29
CA SER B 404 37.11 -33.86 15.32
C SER B 404 37.14 -33.17 16.67
N LYS B 405 36.93 -33.96 17.72
CA LYS B 405 37.09 -33.47 19.07
C LYS B 405 38.56 -33.47 19.46
N VAL B 406 39.01 -32.39 20.09
CA VAL B 406 40.38 -32.33 20.57
C VAL B 406 40.63 -33.48 21.54
N GLY B 407 41.81 -34.10 21.43
CA GLY B 407 42.18 -35.21 22.26
C GLY B 407 41.68 -36.57 21.82
N GLN B 408 40.91 -36.66 20.72
CA GLN B 408 40.33 -37.92 20.24
C GLN B 408 40.38 -37.91 18.71
N GLY B 409 41.54 -38.28 18.15
CA GLY B 409 41.72 -38.25 16.72
C GLY B 409 40.81 -39.21 15.97
N ASN B 410 40.34 -40.27 16.63
CA ASN B 410 39.46 -41.24 15.99
C ASN B 410 38.06 -40.71 15.75
N THR B 411 37.70 -39.56 16.33
CA THR B 411 36.40 -38.95 16.11
C THR B 411 36.31 -38.16 14.81
N GLU B 412 37.39 -38.11 14.03
CA GLU B 412 37.44 -37.25 12.85
C GLU B 412 36.49 -37.73 11.76
N ARG B 413 35.78 -36.79 11.15
CA ARG B 413 34.94 -37.06 9.98
C ARG B 413 35.00 -35.85 9.06
N THR B 414 34.72 -36.09 7.78
CA THR B 414 34.70 -35.02 6.80
C THR B 414 33.33 -34.36 6.77
N VAL B 415 33.31 -33.03 6.78
CA VAL B 415 32.08 -32.25 6.67
C VAL B 415 32.19 -31.38 5.42
N TRP B 416 31.25 -31.54 4.50
CA TRP B 416 31.26 -30.84 3.23
C TRP B 416 30.36 -29.61 3.33
N GLN B 417 30.95 -28.42 3.20
CA GLN B 417 30.22 -27.17 3.36
C GLN B 417 29.91 -26.59 1.99
N TYR B 418 28.63 -26.46 1.68
CA TYR B 418 28.18 -25.94 0.40
C TYR B 418 27.67 -24.51 0.60
N HIS B 419 28.47 -23.54 0.16
CA HIS B 419 28.18 -22.13 0.40
C HIS B 419 27.55 -21.54 -0.86
N PHE B 420 26.23 -21.42 -0.86
CA PHE B 420 25.53 -20.82 -2.00
C PHE B 420 25.76 -19.32 -2.01
N ARG B 421 26.12 -18.78 -3.19
CA ARG B 421 26.60 -17.41 -3.30
C ARG B 421 25.84 -16.52 -4.28
N THR B 422 24.97 -17.07 -5.13
CA THR B 422 24.33 -16.28 -6.18
C THR B 422 22.88 -15.98 -5.89
N TRP B 423 22.44 -16.12 -4.64
CA TRP B 423 21.07 -15.74 -4.31
C TRP B 423 20.97 -14.22 -4.35
N PRO B 424 20.02 -13.66 -5.08
CA PRO B 424 19.99 -12.20 -5.28
C PRO B 424 19.73 -11.46 -3.97
N ASP B 425 20.25 -10.22 -3.92
CA ASP B 425 20.06 -9.39 -2.75
C ASP B 425 18.63 -8.86 -2.64
N HIS B 426 17.86 -8.90 -3.74
CA HIS B 426 16.52 -8.32 -3.76
C HIS B 426 15.47 -9.33 -3.33
N GLY B 427 15.11 -10.26 -4.21
CA GLY B 427 14.03 -11.18 -3.91
C GLY B 427 14.41 -12.64 -4.02
N VAL B 428 14.03 -13.27 -5.13
CA VAL B 428 14.34 -14.68 -5.35
C VAL B 428 15.05 -14.81 -6.70
N PRO B 429 15.81 -15.89 -6.91
CA PRO B 429 16.46 -16.08 -8.22
C PRO B 429 15.44 -16.11 -9.34
N SER B 430 15.79 -15.45 -10.45
CA SER B 430 14.90 -15.41 -11.60
C SER B 430 14.85 -16.74 -12.35
N ASP B 431 15.88 -17.57 -12.19
CA ASP B 431 15.95 -18.89 -12.78
C ASP B 431 16.26 -19.89 -11.67
N PRO B 432 15.51 -20.98 -11.55
CA PRO B 432 15.76 -21.95 -10.48
C PRO B 432 16.81 -23.00 -10.80
N GLY B 433 17.45 -22.93 -11.97
CA GLY B 433 18.41 -23.96 -12.33
C GLY B 433 19.62 -24.00 -11.41
N GLY B 434 20.12 -22.84 -11.01
CA GLY B 434 21.27 -22.82 -10.10
C GLY B 434 20.97 -23.48 -8.77
N VAL B 435 19.83 -23.11 -8.17
CA VAL B 435 19.42 -23.72 -6.91
C VAL B 435 19.23 -25.23 -7.07
N LEU B 436 18.64 -25.65 -8.19
CA LEU B 436 18.34 -27.06 -8.38
C LEU B 436 19.62 -27.88 -8.58
N ASP B 437 20.54 -27.39 -9.42
CA ASP B 437 21.81 -28.09 -9.59
C ASP B 437 22.58 -28.16 -8.27
N PHE B 438 22.57 -27.07 -7.50
CA PHE B 438 23.18 -27.06 -6.19
C PHE B 438 22.59 -28.15 -5.29
N LEU B 439 21.26 -28.21 -5.21
CA LEU B 439 20.62 -29.19 -4.35
C LEU B 439 20.84 -30.62 -4.82
N GLU B 440 20.94 -30.82 -6.14
CA GLU B 440 21.21 -32.16 -6.66
C GLU B 440 22.58 -32.65 -6.22
N GLU B 441 23.57 -31.76 -6.25
CA GLU B 441 24.91 -32.10 -5.77
C GLU B 441 24.91 -32.39 -4.28
N VAL B 442 24.27 -31.51 -3.49
CA VAL B 442 24.18 -31.72 -2.04
C VAL B 442 23.51 -33.05 -1.72
N HIS B 443 22.46 -33.39 -2.45
CA HIS B 443 21.79 -34.67 -2.24
C HIS B 443 22.73 -35.84 -2.49
N HIS B 444 23.48 -35.79 -3.59
CA HIS B 444 24.34 -36.93 -3.94
C HIS B 444 25.48 -37.09 -2.94
N LYS B 445 26.06 -35.99 -2.47
CA LYS B 445 27.07 -36.07 -1.43
C LYS B 445 26.50 -36.72 -0.17
N GLN B 446 25.34 -36.25 0.27
CA GLN B 446 24.70 -36.81 1.46
C GLN B 446 24.45 -38.30 1.29
N GLU B 447 23.88 -38.70 0.16
CA GLU B 447 23.58 -40.12 -0.07
C GLU B 447 24.85 -40.97 -0.16
N SER B 448 25.99 -40.37 -0.46
CA SER B 448 27.23 -41.13 -0.61
C SER B 448 27.88 -41.48 0.73
N ILE B 449 27.36 -40.97 1.85
CA ILE B 449 27.99 -41.14 3.16
C ILE B 449 27.09 -42.01 4.01
N MET B 450 27.60 -43.19 4.40
CA MET B 450 26.81 -44.12 5.17
C MET B 450 26.54 -43.56 6.57
N ASP B 451 25.27 -43.67 7.01
CA ASP B 451 24.86 -43.26 8.36
C ASP B 451 25.11 -41.77 8.62
N ALA B 452 25.09 -40.96 7.57
CA ALA B 452 25.25 -39.52 7.74
C ALA B 452 24.09 -38.94 8.52
N GLY B 453 24.38 -37.96 9.38
CA GLY B 453 23.34 -37.31 10.14
C GLY B 453 22.54 -36.34 9.30
N PRO B 454 21.75 -35.48 9.94
CA PRO B 454 20.92 -34.54 9.19
C PRO B 454 21.75 -33.48 8.48
N VAL B 455 21.18 -32.95 7.40
CA VAL B 455 21.82 -31.90 6.61
C VAL B 455 21.54 -30.56 7.28
N VAL B 456 22.59 -29.77 7.50
CA VAL B 456 22.47 -28.48 8.15
C VAL B 456 22.26 -27.39 7.10
N VAL B 457 21.19 -26.63 7.26
CA VAL B 457 20.87 -25.49 6.35
C VAL B 457 20.75 -24.24 7.22
N HIS B 458 21.55 -23.22 6.95
CA HIS B 458 21.56 -22.05 7.85
C HIS B 458 21.93 -20.72 7.20
N CYS B 459 22.07 -19.68 8.02
CA CYS B 459 22.44 -18.28 7.65
C CYS B 459 21.25 -17.40 7.95
N SER B 460 21.51 -16.16 8.34
CA SER B 460 20.44 -15.19 8.68
C SER B 460 19.55 -15.83 9.75
N ALA B 461 18.37 -15.44 9.67
CA ALA B 461 17.58 -15.97 10.78
C ALA B 461 17.26 -17.45 10.61
N GLY B 462 17.54 -18.02 9.45
CA GLY B 462 17.34 -19.44 9.23
C GLY B 462 15.89 -19.87 9.08
N ILE B 463 15.06 -19.01 8.49
CA ILE B 463 13.65 -19.36 8.28
C ILE B 463 13.26 -19.09 6.83
N GLY B 464 13.82 -18.04 6.22
CA GLY B 464 13.39 -17.63 4.89
C GLY B 464 13.99 -18.41 3.74
N ARG B 465 15.21 -18.03 3.32
CA ARG B 465 15.92 -18.82 2.32
C ARG B 465 16.11 -20.25 2.81
N THR B 466 16.40 -20.41 4.12
CA THR B 466 16.58 -21.75 4.69
C THR B 466 15.32 -22.59 4.49
N GLY B 467 14.14 -22.03 4.80
CA GLY B 467 12.92 -22.76 4.59
C GLY B 467 12.68 -23.10 3.13
N THR B 468 13.05 -22.19 2.23
CA THR B 468 12.84 -22.41 0.80
C THR B 468 13.70 -23.54 0.28
N PHE B 469 14.98 -23.56 0.64
CA PHE B 469 15.86 -24.66 0.25
C PHE B 469 15.34 -26.00 0.74
N ILE B 470 14.92 -26.06 2.00
CA ILE B 470 14.51 -27.34 2.59
C ILE B 470 13.23 -27.85 1.93
N VAL B 471 12.25 -26.98 1.72
CA VAL B 471 11.01 -27.41 1.10
C VAL B 471 11.26 -27.91 -0.31
N ILE B 472 12.04 -27.15 -1.10
CA ILE B 472 12.39 -27.57 -2.45
C ILE B 472 13.09 -28.92 -2.42
N ASP B 473 13.98 -29.11 -1.44
CA ASP B 473 14.70 -30.38 -1.38
C ASP B 473 13.80 -31.53 -0.99
N ILE B 474 12.82 -31.27 -0.11
CA ILE B 474 11.85 -32.31 0.24
C ILE B 474 11.03 -32.72 -0.98
N LEU B 475 10.47 -31.72 -1.69
CA LEU B 475 9.62 -32.00 -2.84
C LEU B 475 10.39 -32.70 -3.96
N ILE B 476 11.59 -32.20 -4.26
CA ILE B 476 12.42 -32.80 -5.31
C ILE B 476 12.82 -34.21 -4.91
N ASP B 477 13.05 -34.45 -3.62
CA ASP B 477 13.40 -35.80 -3.16
C ASP B 477 12.28 -36.79 -3.50
N ILE B 478 11.03 -36.34 -3.39
CA ILE B 478 9.90 -37.20 -3.73
C ILE B 478 9.93 -37.56 -5.20
N ILE B 479 10.15 -36.57 -6.06
CA ILE B 479 10.14 -36.81 -7.50
C ILE B 479 11.36 -37.61 -7.92
N ARG B 480 12.50 -37.43 -7.26
CA ARG B 480 13.70 -38.15 -7.66
C ARG B 480 13.55 -39.65 -7.47
N GLU B 481 12.92 -40.07 -6.38
CA GLU B 481 12.77 -41.51 -6.15
C GLU B 481 11.54 -42.07 -6.85
N LYS B 482 10.41 -41.36 -6.79
CA LYS B 482 9.13 -41.88 -7.26
C LYS B 482 8.75 -41.37 -8.64
N GLY B 483 9.60 -40.60 -9.29
CA GLY B 483 9.32 -40.13 -10.63
C GLY B 483 8.16 -39.14 -10.68
N VAL B 484 7.64 -38.95 -11.91
CA VAL B 484 6.54 -38.03 -12.14
C VAL B 484 5.19 -38.58 -11.69
N ASP B 485 5.11 -39.88 -11.38
CA ASP B 485 3.86 -40.49 -10.95
C ASP B 485 3.81 -40.50 -9.43
N CYS B 486 3.57 -39.32 -8.85
CA CYS B 486 3.52 -39.16 -7.41
C CYS B 486 2.83 -37.84 -7.09
N ASP B 487 2.11 -37.83 -5.98
CA ASP B 487 1.42 -36.63 -5.54
C ASP B 487 2.34 -35.74 -4.73
N ILE B 488 2.27 -34.44 -4.99
CA ILE B 488 2.96 -33.45 -4.19
C ILE B 488 1.95 -32.37 -3.79
N ASP B 489 2.19 -31.75 -2.64
CA ASP B 489 1.28 -30.76 -2.08
C ASP B 489 2.17 -29.67 -1.45
N VAL B 490 2.38 -28.59 -2.20
CA VAL B 490 3.30 -27.53 -1.78
C VAL B 490 2.80 -26.88 -0.48
N PRO B 491 1.57 -26.36 -0.40
CA PRO B 491 1.15 -25.71 0.85
C PRO B 491 1.22 -26.64 2.05
N LYS B 492 0.78 -27.89 1.91
CA LYS B 492 0.80 -28.82 3.03
C LYS B 492 2.23 -29.10 3.48
N THR B 493 3.15 -29.20 2.53
CA THR B 493 4.56 -29.42 2.88
C THR B 493 5.11 -28.23 3.67
N ILE B 494 4.78 -27.01 3.26
CA ILE B 494 5.28 -25.83 3.96
C ILE B 494 4.71 -25.79 5.37
N GLN B 495 3.39 -26.00 5.51
CA GLN B 495 2.77 -26.01 6.83
C GLN B 495 3.41 -27.07 7.71
N MET B 496 3.75 -28.22 7.14
CA MET B 496 4.39 -29.29 7.90
C MET B 496 5.78 -28.86 8.38
N VAL B 497 6.51 -28.09 7.58
CA VAL B 497 7.83 -27.62 7.98
C VAL B 497 7.70 -26.46 8.96
N ARG B 498 6.70 -25.60 8.79
CA ARG B 498 6.48 -24.50 9.72
C ARG B 498 6.08 -24.96 11.11
N SER B 499 5.57 -26.18 11.24
CA SER B 499 5.26 -26.70 12.57
C SER B 499 6.48 -27.25 13.27
N GLN B 500 7.64 -27.29 12.59
CA GLN B 500 8.89 -27.72 13.19
C GLN B 500 9.90 -26.59 13.37
N ARG B 501 9.72 -25.47 12.68
CA ARG B 501 10.46 -24.24 12.94
C ARG B 501 9.59 -23.07 12.47
N SER B 502 9.57 -22.01 13.26
CA SER B 502 8.67 -20.89 13.00
C SER B 502 8.98 -20.20 11.67
N GLY B 503 7.95 -19.98 10.87
CA GLY B 503 8.06 -19.09 9.72
C GLY B 503 8.90 -19.60 8.57
N MET B 504 9.03 -20.92 8.41
CA MET B 504 9.74 -21.47 7.27
C MET B 504 9.03 -21.08 5.97
N VAL B 505 9.80 -20.52 5.02
CA VAL B 505 9.32 -19.88 3.81
C VAL B 505 8.61 -18.58 4.19
N GLN B 506 9.24 -17.45 3.87
CA GLN B 506 8.83 -16.16 4.41
C GLN B 506 7.85 -15.40 3.51
N THR B 507 8.04 -15.41 2.20
CA THR B 507 7.36 -14.48 1.33
C THR B 507 6.62 -15.19 0.20
N GLU B 508 5.71 -14.46 -0.43
CA GLU B 508 5.01 -14.96 -1.61
C GLU B 508 5.98 -15.25 -2.75
N ALA B 509 7.03 -14.44 -2.88
CA ALA B 509 8.01 -14.67 -3.94
C ALA B 509 8.73 -16.00 -3.75
N GLN B 510 9.14 -16.31 -2.52
CA GLN B 510 9.75 -17.61 -2.25
C GLN B 510 8.76 -18.74 -2.49
N TYR B 511 7.49 -18.50 -2.16
CA TYR B 511 6.46 -19.51 -2.37
C TYR B 511 6.29 -19.85 -3.85
N ARG B 512 6.23 -18.82 -4.70
CA ARG B 512 6.17 -19.06 -6.13
C ARG B 512 7.46 -19.70 -6.64
N PHE B 513 8.60 -19.27 -6.10
CA PHE B 513 9.88 -19.85 -6.52
C PHE B 513 9.94 -21.34 -6.24
N ILE B 514 9.30 -21.79 -5.15
CA ILE B 514 9.24 -23.23 -4.87
C ILE B 514 8.49 -23.94 -5.99
N TYR B 515 7.36 -23.37 -6.42
CA TYR B 515 6.61 -23.93 -7.53
C TYR B 515 7.45 -23.95 -8.80
N MET B 516 8.11 -22.82 -9.11
CA MET B 516 8.92 -22.74 -10.32
C MET B 516 10.06 -23.75 -10.30
N ALA B 517 10.70 -23.93 -9.13
CA ALA B 517 11.78 -24.91 -9.04
C ALA B 517 11.27 -26.33 -9.25
N VAL B 518 10.10 -26.65 -8.69
CA VAL B 518 9.55 -27.99 -8.87
C VAL B 518 9.18 -28.24 -10.33
N GLN B 519 8.57 -27.24 -10.97
CA GLN B 519 8.25 -27.36 -12.39
C GLN B 519 9.51 -27.55 -13.22
N HIS B 520 10.53 -26.71 -12.97
CA HIS B 520 11.79 -26.82 -13.70
C HIS B 520 12.41 -28.19 -13.55
N TYR B 521 12.41 -28.73 -12.33
CA TYR B 521 12.96 -30.06 -12.10
C TYR B 521 12.17 -31.12 -12.85
N ILE B 522 10.84 -31.01 -12.84
CA ILE B 522 10.00 -31.97 -13.56
C ILE B 522 10.29 -31.91 -15.05
N GLU B 523 10.41 -30.69 -15.61
CA GLU B 523 10.63 -30.54 -17.03
C GLU B 523 11.93 -31.20 -17.49
N THR B 524 12.92 -31.28 -16.60
CA THR B 524 14.15 -32.01 -16.90
C THR B 524 14.13 -33.45 -16.42
C27 FIZ C . -21.45 23.41 -15.09
C30 FIZ C . -20.93 24.58 -15.90
C8 FIZ C . -14.45 19.07 -9.94
C1 FIZ C . -14.79 17.09 -7.33
C11 FIZ C . -16.29 17.97 -10.68
C15 FIZ C . -18.11 18.71 -12.70
C17 FIZ C . -17.44 17.09 -11.00
C19 FIZ C . -19.44 16.54 -12.26
C2 FIZ C . -14.93 16.81 -8.76
C21 FIZ C . -20.37 19.27 -13.72
C22 FIZ C . -20.66 20.71 -13.33
C23 FIZ C . -19.93 21.74 -14.19
C24 FIZ C . -18.48 21.35 -14.53
C25 FIZ C . -18.29 19.88 -14.87
C26 FIZ C . -20.71 22.11 -15.44
C29 FIZ C . -19.95 23.03 -13.38
C3 FIZ C . -14.83 15.48 -9.19
C4 FIZ C . -14.61 14.44 -8.29
C5 FIZ C . -14.47 14.66 -6.92
C6 FIZ C . -14.55 15.96 -6.41
C7 FIZ C . -15.17 17.91 -9.73
C9 FIZ C . -15.06 19.77 -10.97
N10 FIZ C . -16.14 19.09 -11.36
N14 FIZ C . -17.03 19.48 -12.37
N16 FIZ C . -18.34 17.48 -12.01
N20 FIZ C . -18.92 19.23 -13.74
N31 FIZ C . -21.70 21.11 -15.82
O18 FIZ C . -17.63 16.02 -10.37
O28 FIZ C . -21.18 23.65 -13.71
CL1 FIZ C . -14.91 18.79 -6.77
CL2 FIZ C . -14.38 16.26 -4.65
C27 FIZ D . -9.87 -19.47 -3.06
C30 FIZ D . -9.27 -18.30 -3.80
C8 FIZ D . -2.77 -23.67 1.95
C1 FIZ D . -3.16 -25.62 4.60
C11 FIZ D . -4.63 -24.80 1.24
C15 FIZ D . -6.47 -24.14 -0.76
C17 FIZ D . -5.78 -25.70 0.98
C19 FIZ D . -7.77 -26.31 -0.24
C2 FIZ D . -3.27 -25.91 3.17
C21 FIZ D . -8.75 -23.65 -1.78
C22 FIZ D . -9.07 -22.22 -1.36
C23 FIZ D . -8.37 -21.15 -2.19
C24 FIZ D . -6.91 -21.50 -2.56
C25 FIZ D . -6.70 -22.97 -2.93
C26 FIZ D . -9.18 -20.77 -3.42
C29 FIZ D . -8.39 -19.89 -1.35
C3 FIZ D . -3.16 -27.23 2.73
C4 FIZ D . -2.94 -28.28 3.64
C5 FIZ D . -2.83 -28.04 5.00
C6 FIZ D . -2.93 -26.75 5.52
C7 FIZ D . -3.51 -24.83 2.19
C9 FIZ D . -3.41 -22.99 0.92
N10 FIZ D . -4.50 -23.68 0.54
N14 FIZ D . -5.41 -23.34 -0.46
N16 FIZ D . -6.68 -25.35 -0.03
N20 FIZ D . -7.29 -23.64 -1.79
N31 FIZ D . -10.20 -21.77 -3.76
O18 FIZ D . -5.94 -26.75 1.63
O28 FIZ D . -9.64 -19.28 -1.67
CL1 FIZ D . -3.30 -23.94 5.18
CL2 FIZ D . -2.79 -26.40 7.27
#